data_8ES6
#
_entry.id   8ES6
#
_cell.length_a   103.924
_cell.length_b   56.372
_cell.length_c   145.019
_cell.angle_alpha   90.000
_cell.angle_beta   91.840
_cell.angle_gamma   90.000
#
_symmetry.space_group_name_H-M   'C 1 2 1'
#
loop_
_entity.id
_entity.type
_entity.pdbx_description
1 polymer 'Colibactin biosynthesis amidase ClbL'
2 water water
#
_entity_poly.entity_id   1
_entity_poly.type   'polypeptide(L)'
_entity_poly.pdbx_seq_one_letter_code
;MSEQSYRSAGTLLAQLASGETTSVALVNHYFSRMAQFNKPLNAVVQQHYALALEAAARADRERLEGRARGVLHGLPCTVK
ESFDVQGWLTTSGAHYLKDNRATQDAPSIARLRAAGAILMGKTNVPMMTADWQTYNDLYGTTHNLWDRQRSPGGSSGGAA
VAVAADFTPVEFGSDLFG(SEB)LRIPAHYTGVYAHRCSLGLMSVRGHVPGGGPQATDEPDLSTAGPMARSAADLRLMMR
ALSTFWVEPPRIPDFSRYQAKANYRVCTWFSAPHHEIDQQIAQRFQSFIDKLRAQPGVEVDDAMPADIDPDALFDIAVKL
SGRLVSTALNGRQRLTAGLAALGFRLVGKLADVPEGITSYYQGMLKDSGEQRNTDKLRHEYSRVIETLFARYDVLLTPVS
PVLAFAHMQQPVRKRKLIVNGEPQDYNEHLFWNMLATVFGLPATVYPLAKTMDELPCGIQIISGHFHDDVTINFAEFCES
ISGGFTVPEGYG
;
_entity_poly.pdbx_strand_id   A,B
#
# COMPACT_ATOMS: atom_id res chain seq x y z
N SER A 2 -22.37 8.23 9.80
CA SER A 2 -22.57 7.32 10.93
C SER A 2 -21.96 7.90 12.20
N GLU A 3 -22.69 7.77 13.30
CA GLU A 3 -22.28 8.33 14.56
C GLU A 3 -22.18 7.28 15.66
N GLN A 4 -22.51 6.02 15.36
CA GLN A 4 -22.43 4.96 16.37
C GLN A 4 -20.98 4.82 16.88
N SER A 5 -20.82 4.77 18.20
CA SER A 5 -19.49 4.61 18.82
C SER A 5 -19.20 3.16 19.16
N TYR A 6 -17.89 2.88 19.37
CA TYR A 6 -17.37 1.59 19.84
C TYR A 6 -17.71 0.42 18.90
N ARG A 7 -17.90 0.68 17.62
CA ARG A 7 -17.86 -0.40 16.65
C ARG A 7 -16.43 -0.93 16.53
N SER A 8 -16.30 -2.24 16.32
CA SER A 8 -15.01 -2.86 16.06
C SER A 8 -14.53 -2.58 14.63
N ALA A 9 -13.23 -2.74 14.42
CA ALA A 9 -12.71 -2.67 13.06
C ALA A 9 -13.42 -3.65 12.13
N GLY A 10 -13.66 -4.88 12.61
CA GLY A 10 -14.31 -5.87 11.76
C GLY A 10 -15.69 -5.43 11.32
N THR A 11 -16.48 -4.94 12.27
CA THR A 11 -17.78 -4.36 11.96
C THR A 11 -17.67 -3.18 11.00
N LEU A 12 -16.70 -2.30 11.25
CA LEU A 12 -16.56 -1.11 10.43
C LEU A 12 -16.24 -1.48 8.99
N LEU A 13 -15.37 -2.47 8.80
CA LEU A 13 -15.03 -2.89 7.45
C LEU A 13 -16.26 -3.48 6.77
N ALA A 14 -17.07 -4.24 7.52
CA ALA A 14 -18.29 -4.80 6.97
C ALA A 14 -19.26 -3.68 6.58
N GLN A 15 -19.38 -2.65 7.41
CA GLN A 15 -20.29 -1.56 7.13
C GLN A 15 -19.79 -0.67 5.98
N LEU A 16 -18.48 -0.53 5.83
CA LEU A 16 -17.93 0.13 4.65
C LEU A 16 -18.30 -0.64 3.38
N ALA A 17 -18.12 -1.97 3.40
CA ALA A 17 -18.45 -2.79 2.24
C ALA A 17 -19.92 -2.68 1.90
N SER A 18 -20.78 -2.56 2.91
CA SER A 18 -22.21 -2.57 2.67
C SER A 18 -22.80 -1.18 2.50
N GLY A 19 -21.99 -0.14 2.65
CA GLY A 19 -22.50 1.20 2.47
C GLY A 19 -23.26 1.78 3.64
N GLU A 20 -23.32 1.08 4.78
CA GLU A 20 -23.92 1.69 5.97
C GLU A 20 -23.06 2.81 6.56
N THR A 21 -21.81 2.93 6.12
CA THR A 21 -20.96 4.04 6.54
C THR A 21 -19.92 4.27 5.46
N THR A 22 -19.24 5.40 5.55
CA THR A 22 -18.15 5.73 4.64
C THR A 22 -16.94 6.08 5.48
N SER A 23 -15.77 6.13 4.83
CA SER A 23 -14.56 6.53 5.54
C SER A 23 -14.61 7.98 5.99
N VAL A 24 -15.23 8.86 5.19
CA VAL A 24 -15.34 10.26 5.62
C VAL A 24 -16.17 10.36 6.90
N ALA A 25 -17.28 9.63 6.98
CA ALA A 25 -18.09 9.67 8.20
C ALA A 25 -17.31 9.12 9.40
N LEU A 26 -16.45 8.14 9.17
CA LEU A 26 -15.67 7.59 10.28
C LEU A 26 -14.61 8.58 10.75
N VAL A 27 -13.95 9.26 9.83
CA VAL A 27 -12.93 10.22 10.22
C VAL A 27 -13.58 11.34 11.02
N ASN A 28 -14.77 11.80 10.59
CA ASN A 28 -15.48 12.82 11.35
C ASN A 28 -15.93 12.28 12.71
N HIS A 29 -16.35 11.01 12.79
CA HIS A 29 -16.69 10.42 14.08
C HIS A 29 -15.52 10.51 15.06
N TYR A 30 -14.35 10.02 14.67
CA TYR A 30 -13.20 9.97 15.59
C TYR A 30 -12.70 11.36 15.95
N PHE A 31 -12.59 12.27 14.97
CA PHE A 31 -12.15 13.61 15.33
C PHE A 31 -13.18 14.33 16.18
N SER A 32 -14.47 14.08 15.96
CA SER A 32 -15.50 14.59 16.85
C SER A 32 -15.29 14.10 18.29
N ARG A 33 -15.07 12.80 18.46
CA ARG A 33 -14.83 12.31 19.81
C ARG A 33 -13.56 12.89 20.40
N MET A 34 -12.51 13.08 19.59
CA MET A 34 -11.33 13.70 20.18
C MET A 34 -11.60 15.14 20.57
N ALA A 35 -12.42 15.86 19.79
CA ALA A 35 -12.76 17.22 20.19
C ALA A 35 -13.53 17.23 21.51
N GLN A 36 -14.45 16.28 21.67
CA GLN A 36 -15.31 16.23 22.85
C GLN A 36 -14.59 15.73 24.09
N PHE A 37 -13.58 14.84 23.93
CA PHE A 37 -13.05 14.10 25.08
C PHE A 37 -11.55 14.14 25.26
N ASN A 38 -10.77 14.53 24.27
CA ASN A 38 -9.32 14.34 24.38
C ASN A 38 -8.66 15.34 25.32
N LYS A 39 -9.24 16.54 25.49
CA LYS A 39 -8.57 17.56 26.31
C LYS A 39 -8.28 17.08 27.73
N PRO A 40 -9.25 16.55 28.50
CA PRO A 40 -8.91 16.05 29.86
C PRO A 40 -8.03 14.81 29.87
N LEU A 41 -7.89 14.07 28.76
CA LEU A 41 -7.12 12.82 28.75
C LEU A 41 -5.71 12.99 28.19
N ASN A 42 -5.54 13.83 27.17
CA ASN A 42 -4.26 14.15 26.55
C ASN A 42 -3.63 12.90 25.91
N ALA A 43 -4.46 12.10 25.25
CA ALA A 43 -4.03 10.85 24.63
C ALA A 43 -3.51 11.06 23.22
N VAL A 44 -4.22 11.80 22.40
CA VAL A 44 -3.79 12.05 21.04
C VAL A 44 -3.03 13.37 21.08
N VAL A 45 -1.78 13.37 20.66
CA VAL A 45 -0.95 14.56 20.74
C VAL A 45 -0.59 15.16 19.38
N GLN A 46 -0.90 14.48 18.27
CA GLN A 46 -0.86 15.08 16.94
C GLN A 46 -2.15 14.71 16.25
N GLN A 47 -2.79 15.68 15.60
CA GLN A 47 -3.98 15.44 14.80
C GLN A 47 -3.73 15.98 13.40
N HIS A 48 -4.08 15.17 12.37
CA HIS A 48 -3.87 15.53 10.96
C HIS A 48 -5.21 15.39 10.22
N TYR A 49 -6.15 16.26 10.59
CA TYR A 49 -7.50 16.14 10.04
C TYR A 49 -7.52 16.30 8.52
N ALA A 50 -6.82 17.31 7.98
CA ALA A 50 -6.92 17.58 6.56
C ALA A 50 -6.38 16.42 5.73
N LEU A 51 -5.26 15.85 6.17
CA LEU A 51 -4.71 14.68 5.51
C LEU A 51 -5.66 13.48 5.66
N ALA A 52 -6.25 13.33 6.84
CA ALA A 52 -7.13 12.17 7.07
C ALA A 52 -8.39 12.25 6.23
N LEU A 53 -9.00 13.45 6.17
CA LEU A 53 -10.23 13.62 5.40
C LEU A 53 -10.00 13.40 3.92
N GLU A 54 -8.88 13.91 3.40
CA GLU A 54 -8.51 13.67 2.01
C GLU A 54 -8.35 12.19 1.74
N ALA A 55 -7.60 11.49 2.61
CA ALA A 55 -7.42 10.06 2.46
C ALA A 55 -8.76 9.32 2.53
N ALA A 56 -9.67 9.76 3.40
CA ALA A 56 -10.97 9.11 3.50
C ALA A 56 -11.78 9.31 2.22
N ALA A 57 -11.72 10.51 1.64
CA ALA A 57 -12.47 10.76 0.42
C ALA A 57 -11.98 9.86 -0.71
N ARG A 58 -10.66 9.71 -0.82
CA ARG A 58 -10.06 8.79 -1.77
C ARG A 58 -10.52 7.36 -1.53
N ALA A 59 -10.45 6.89 -0.28
CA ALA A 59 -10.93 5.53 -0.03
C ALA A 59 -12.38 5.38 -0.46
N ASP A 60 -13.22 6.37 -0.15
CA ASP A 60 -14.62 6.26 -0.55
C ASP A 60 -14.79 6.22 -2.06
N ARG A 61 -14.05 7.06 -2.80
CA ARG A 61 -14.13 6.99 -4.27
C ARG A 61 -13.69 5.63 -4.79
N GLU A 62 -12.61 5.09 -4.22
CA GLU A 62 -12.11 3.79 -4.64
C GLU A 62 -13.15 2.69 -4.39
N ARG A 63 -13.80 2.72 -3.22
CA ARG A 63 -14.84 1.73 -2.93
C ARG A 63 -15.98 1.78 -3.95
N LEU A 64 -16.51 2.98 -4.19
CA LEU A 64 -17.59 3.13 -5.16
C LEU A 64 -17.23 2.62 -6.56
N GLU A 65 -15.98 2.82 -6.99
CA GLU A 65 -15.59 2.44 -8.33
C GLU A 65 -15.00 1.03 -8.40
N GLY A 66 -15.09 0.26 -7.32
CA GLY A 66 -14.57 -1.09 -7.38
C GLY A 66 -13.07 -1.17 -7.43
N ARG A 67 -12.37 -0.17 -6.89
CA ARG A 67 -10.91 -0.10 -6.91
CA ARG A 67 -10.90 -0.15 -6.90
C ARG A 67 -10.30 -0.21 -5.51
N ALA A 68 -11.06 -0.63 -4.51
CA ALA A 68 -10.51 -0.70 -3.16
C ALA A 68 -9.59 -1.91 -3.02
N ARG A 69 -8.49 -1.72 -2.30
CA ARG A 69 -7.45 -2.73 -2.15
C ARG A 69 -6.91 -2.65 -0.73
N GLY A 70 -6.67 -3.79 -0.12
CA GLY A 70 -6.02 -3.84 1.18
C GLY A 70 -6.99 -4.29 2.26
N VAL A 71 -6.45 -5.00 3.26
CA VAL A 71 -7.34 -5.57 4.29
C VAL A 71 -7.81 -4.55 5.32
N LEU A 72 -7.21 -3.35 5.37
CA LEU A 72 -7.65 -2.25 6.21
C LEU A 72 -8.25 -1.10 5.41
N HIS A 73 -8.71 -1.37 4.19
CA HIS A 73 -9.03 -0.28 3.29
C HIS A 73 -10.11 0.61 3.86
N GLY A 74 -9.80 1.89 4.02
CA GLY A 74 -10.77 2.85 4.51
C GLY A 74 -10.91 2.93 6.01
N LEU A 75 -10.10 2.18 6.77
CA LEU A 75 -10.22 2.16 8.22
C LEU A 75 -9.27 3.17 8.85
N PRO A 76 -9.77 4.12 9.63
CA PRO A 76 -8.91 5.11 10.28
C PRO A 76 -8.21 4.52 11.51
N CYS A 77 -7.05 5.09 11.85
CA CYS A 77 -6.40 4.71 13.11
C CYS A 77 -5.44 5.82 13.52
N THR A 78 -4.93 5.69 14.74
CA THR A 78 -3.81 6.49 15.21
C THR A 78 -2.67 5.53 15.46
N VAL A 79 -1.45 6.06 15.59
CA VAL A 79 -0.29 5.23 15.89
C VAL A 79 0.51 5.86 17.02
N LYS A 80 1.35 5.05 17.64
CA LYS A 80 2.22 5.54 18.71
C LYS A 80 3.13 6.65 18.20
N GLU A 81 3.25 7.72 18.99
CA GLU A 81 3.98 8.91 18.51
C GLU A 81 5.41 8.59 18.11
N SER A 82 6.03 7.59 18.74
CA SER A 82 7.42 7.23 18.53
C SER A 82 7.69 6.46 17.24
N PHE A 83 6.70 6.16 16.41
CA PHE A 83 6.95 5.61 15.09
C PHE A 83 6.94 6.71 14.03
N ASP A 84 7.86 6.58 13.07
CA ASP A 84 7.96 7.53 11.97
C ASP A 84 6.75 7.40 11.04
N VAL A 85 6.11 8.54 10.77
CA VAL A 85 5.17 8.71 9.67
C VAL A 85 5.70 9.84 8.80
N GLN A 86 5.82 9.60 7.51
CA GLN A 86 6.42 10.58 6.60
C GLN A 86 5.79 11.96 6.77
N GLY A 87 6.65 12.97 6.91
CA GLY A 87 6.22 14.34 7.04
C GLY A 87 5.78 14.74 8.42
N TRP A 88 5.62 13.78 9.35
CA TRP A 88 5.15 14.08 10.68
C TRP A 88 6.32 14.13 11.67
N LEU A 89 6.13 14.85 12.76
CA LEU A 89 7.12 14.89 13.82
C LEU A 89 7.17 13.54 14.53
N THR A 90 8.39 13.11 14.88
CA THR A 90 8.62 12.01 15.82
C THR A 90 9.50 12.60 16.91
N THR A 91 8.88 13.08 17.99
CA THR A 91 9.64 13.72 19.06
C THR A 91 10.05 12.74 20.16
N SER A 92 9.26 11.69 20.34
CA SER A 92 9.45 10.76 21.46
C SER A 92 9.45 11.51 22.79
N GLY A 93 8.70 12.62 22.82
CA GLY A 93 8.53 13.43 23.99
C GLY A 93 9.80 14.10 24.48
N ALA A 94 10.84 14.19 23.65
CA ALA A 94 12.10 14.81 24.05
C ALA A 94 12.23 16.20 23.41
N HIS A 95 12.77 17.16 24.15
CA HIS A 95 12.95 18.54 23.62
C HIS A 95 13.94 18.51 22.45
N TYR A 96 14.96 17.69 22.55
CA TYR A 96 15.99 17.57 21.49
C TYR A 96 15.38 17.21 20.13
N LEU A 97 14.22 16.57 20.13
CA LEU A 97 13.62 16.09 18.86
C LEU A 97 12.30 16.79 18.60
N LYS A 98 12.05 17.93 19.26
CA LYS A 98 10.75 18.63 19.14
C LYS A 98 10.46 19.04 17.68
N ASP A 99 11.48 19.06 16.84
CA ASP A 99 11.24 19.39 15.44
C ASP A 99 11.81 18.33 14.50
N ASN A 100 12.02 17.11 15.00
CA ASN A 100 12.47 16.00 14.18
C ASN A 100 11.29 15.45 13.37
N ARG A 101 11.31 15.63 12.06
CA ARG A 101 10.26 15.15 11.15
C ARG A 101 10.77 13.98 10.34
N ALA A 102 9.98 12.93 10.26
CA ALA A 102 10.39 11.74 9.55
C ALA A 102 10.45 12.02 8.04
N THR A 103 11.43 11.41 7.38
CA THR A 103 11.58 11.44 5.93
C THR A 103 10.75 10.36 5.25
N GLN A 104 10.65 9.18 5.87
CA GLN A 104 9.86 8.08 5.32
C GLN A 104 9.07 7.41 6.44
N ASP A 105 8.02 6.66 6.06
CA ASP A 105 7.29 5.86 7.02
C ASP A 105 8.22 4.84 7.67
N ALA A 106 8.02 4.59 8.97
CA ALA A 106 8.54 3.37 9.54
C ALA A 106 7.96 2.19 8.76
N PRO A 107 8.75 1.13 8.52
CA PRO A 107 8.26 0.02 7.68
C PRO A 107 6.90 -0.56 8.10
N SER A 108 6.62 -0.67 9.40
CA SER A 108 5.31 -1.18 9.78
C SER A 108 4.21 -0.16 9.51
N ILE A 109 4.51 1.13 9.67
CA ILE A 109 3.58 2.19 9.29
C ILE A 109 3.26 2.10 7.80
N ALA A 110 4.29 1.98 6.97
CA ALA A 110 4.10 1.81 5.53
C ALA A 110 3.22 0.61 5.23
N ARG A 111 3.28 -0.41 6.08
CA ARG A 111 2.50 -1.59 5.80
C ARG A 111 1.04 -1.38 6.19
N LEU A 112 0.77 -0.60 7.23
CA LEU A 112 -0.61 -0.19 7.50
C LEU A 112 -1.14 0.66 6.36
N ARG A 113 -0.34 1.63 5.90
CA ARG A 113 -0.77 2.51 4.82
C ARG A 113 -1.07 1.72 3.54
N ALA A 114 -0.24 0.72 3.21
CA ALA A 114 -0.47 -0.10 2.03
C ALA A 114 -1.70 -0.98 2.16
N ALA A 115 -2.04 -1.40 3.38
CA ALA A 115 -3.30 -2.12 3.61
C ALA A 115 -4.51 -1.19 3.54
N GLY A 116 -4.30 0.10 3.36
CA GLY A 116 -5.36 1.07 3.20
C GLY A 116 -5.76 1.83 4.45
N ALA A 117 -5.06 1.67 5.57
CA ALA A 117 -5.41 2.40 6.78
C ALA A 117 -5.33 3.92 6.57
N ILE A 118 -6.19 4.65 7.25
CA ILE A 118 -6.17 6.10 7.24
C ILE A 118 -5.59 6.59 8.56
N LEU A 119 -4.33 7.05 8.53
CA LEU A 119 -3.62 7.45 9.74
C LEU A 119 -4.10 8.81 10.18
N MET A 120 -4.79 8.92 11.32
CA MET A 120 -5.27 10.26 11.61
C MET A 120 -4.40 11.04 12.60
N GLY A 121 -3.49 10.40 13.32
CA GLY A 121 -2.69 11.16 14.26
C GLY A 121 -1.83 10.22 15.08
N LYS A 122 -1.26 10.77 16.14
CA LYS A 122 -0.30 10.03 16.96
C LYS A 122 -0.62 10.21 18.44
N THR A 123 -0.25 9.20 19.25
CA THR A 123 -0.64 9.15 20.64
C THR A 123 0.58 9.21 21.55
N ASN A 124 0.36 9.75 22.74
CA ASN A 124 1.42 10.23 23.62
C ASN A 124 2.26 9.07 24.16
N VAL A 125 3.53 9.36 24.41
CA VAL A 125 4.48 8.42 24.98
C VAL A 125 5.28 9.16 26.04
N PRO A 126 5.85 8.44 27.00
CA PRO A 126 6.88 9.05 27.86
C PRO A 126 8.15 9.30 27.06
N MET A 127 9.04 10.12 27.64
CA MET A 127 10.23 10.50 26.90
C MET A 127 11.07 9.28 26.57
N MET A 128 11.55 9.24 25.32
CA MET A 128 12.27 8.09 24.74
C MET A 128 11.57 6.75 24.99
N THR A 129 10.24 6.80 25.19
CA THR A 129 9.40 5.61 25.48
C THR A 129 9.95 4.78 26.64
N ALA A 130 10.71 5.39 27.55
CA ALA A 130 11.42 4.63 28.58
C ALA A 130 10.74 4.69 29.95
N ASP A 131 9.42 4.51 30.01
CA ASP A 131 8.76 4.46 31.31
C ASP A 131 7.48 3.65 31.19
N TRP A 132 6.95 3.26 32.35
CA TRP A 132 5.66 2.58 32.47
C TRP A 132 4.56 3.55 32.88
N GLN A 133 4.75 4.82 32.56
CA GLN A 133 3.77 5.88 32.63
C GLN A 133 3.89 6.66 31.33
N THR A 134 2.94 7.55 31.08
CA THR A 134 2.95 8.29 29.81
C THR A 134 2.84 9.77 30.13
N TYR A 135 3.98 10.45 30.06
CA TYR A 135 4.05 11.87 30.35
C TYR A 135 5.35 12.37 29.79
N ASN A 136 5.38 13.65 29.44
CA ASN A 136 6.63 14.26 28.99
C ASN A 136 6.48 15.77 29.04
N ASP A 137 7.58 16.47 28.78
CA ASP A 137 7.56 17.92 28.85
C ASP A 137 7.06 18.58 27.58
N LEU A 138 6.95 17.85 26.46
CA LEU A 138 6.46 18.48 25.24
C LEU A 138 4.93 18.54 25.26
N TYR A 139 4.28 17.43 25.64
CA TYR A 139 2.84 17.29 25.46
C TYR A 139 2.06 17.20 26.75
N GLY A 140 2.69 16.85 27.85
CA GLY A 140 2.00 16.75 29.12
C GLY A 140 1.78 15.31 29.53
N THR A 141 0.90 15.15 30.50
CA THR A 141 0.57 13.84 31.04
C THR A 141 -0.68 13.29 30.37
N THR A 142 -0.66 12.00 30.06
CA THR A 142 -1.85 11.26 29.66
C THR A 142 -2.50 10.67 30.90
N HIS A 143 -3.80 10.90 31.06
CA HIS A 143 -4.54 10.41 32.21
C HIS A 143 -5.38 9.20 31.84
N ASN A 144 -5.50 8.27 32.79
CA ASN A 144 -6.32 7.08 32.60
C ASN A 144 -7.80 7.46 32.60
N LEU A 145 -8.50 7.21 31.49
CA LEU A 145 -9.89 7.67 31.37
C LEU A 145 -10.83 6.99 32.37
N TRP A 146 -10.43 5.87 32.99
CA TRP A 146 -11.23 5.27 34.05
C TRP A 146 -11.13 6.03 35.37
N ASP A 147 -10.07 6.78 35.57
CA ASP A 147 -9.79 7.54 36.78
C ASP A 147 -8.61 8.44 36.42
N ARG A 148 -8.88 9.72 36.15
CA ARG A 148 -7.86 10.58 35.56
C ARG A 148 -6.76 10.98 36.54
N GLN A 149 -6.92 10.70 37.83
CA GLN A 149 -5.77 10.87 38.72
C GLN A 149 -4.78 9.72 38.63
N ARG A 150 -5.09 8.69 37.83
CA ARG A 150 -4.22 7.52 37.68
C ARG A 150 -3.63 7.48 36.28
N SER A 151 -2.49 6.80 36.16
CA SER A 151 -1.78 6.62 34.92
C SER A 151 -2.42 5.48 34.10
N PRO A 152 -2.49 5.62 32.77
CA PRO A 152 -2.81 4.46 31.93
C PRO A 152 -1.61 3.56 31.70
N GLY A 153 -0.46 3.89 32.27
CA GLY A 153 0.74 3.12 32.03
C GLY A 153 1.52 3.64 30.85
N GLY A 154 2.51 2.86 30.45
CA GLY A 154 3.40 3.29 29.38
C GLY A 154 4.26 2.12 28.96
N SER A 155 4.96 2.30 27.83
CA SER A 155 5.03 3.55 27.08
C SER A 155 3.88 3.81 26.10
N SER A 156 3.04 2.80 25.83
CA SER A 156 1.94 3.02 24.88
C SER A 156 0.67 3.52 25.55
N GLY A 157 0.79 4.46 26.48
CA GLY A 157 -0.35 4.87 27.28
C GLY A 157 -1.34 5.73 26.49
N GLY A 158 -0.85 6.63 25.66
CA GLY A 158 -1.75 7.42 24.83
C GLY A 158 -2.58 6.54 23.91
N ALA A 159 -1.94 5.52 23.35
CA ALA A 159 -2.64 4.60 22.45
C ALA A 159 -3.76 3.85 23.18
N ALA A 160 -3.49 3.33 24.38
CA ALA A 160 -4.50 2.56 25.11
C ALA A 160 -5.68 3.43 25.45
N VAL A 161 -5.43 4.68 25.86
CA VAL A 161 -6.53 5.58 26.20
C VAL A 161 -7.35 5.92 24.95
N ALA A 162 -6.67 6.11 23.82
CA ALA A 162 -7.37 6.48 22.59
C ALA A 162 -8.29 5.35 22.14
N VAL A 163 -7.80 4.12 22.20
CA VAL A 163 -8.63 2.96 21.89
C VAL A 163 -9.81 2.87 22.86
N ALA A 164 -9.54 3.03 24.16
CA ALA A 164 -10.60 2.88 25.15
C ALA A 164 -11.62 4.01 25.08
N ALA A 165 -11.25 5.15 24.53
CA ALA A 165 -12.17 6.28 24.37
C ALA A 165 -12.87 6.27 23.01
N ASP A 166 -12.60 5.30 22.14
CA ASP A 166 -13.10 5.28 20.76
C ASP A 166 -12.67 6.52 19.98
N PHE A 167 -11.43 6.98 20.19
CA PHE A 167 -10.82 7.93 19.27
C PHE A 167 -10.29 7.23 18.04
N THR A 168 -10.30 5.91 18.06
CA THR A 168 -9.70 5.07 17.05
C THR A 168 -10.16 3.65 17.33
N PRO A 169 -10.34 2.82 16.28
CA PRO A 169 -10.75 1.43 16.52
C PRO A 169 -9.57 0.52 16.85
N VAL A 170 -8.37 0.88 16.38
CA VAL A 170 -7.16 0.09 16.57
C VAL A 170 -6.01 1.06 16.80
N GLU A 171 -4.87 0.52 17.26
CA GLU A 171 -3.69 1.34 17.46
C GLU A 171 -2.48 0.46 17.16
N PHE A 172 -1.29 1.07 17.13
CA PHE A 172 -0.09 0.32 16.79
C PHE A 172 1.09 0.88 17.58
N GLY A 173 1.81 0.02 18.29
CA GLY A 173 2.90 0.51 19.10
C GLY A 173 3.98 -0.54 19.29
N SER A 174 5.07 -0.12 19.93
CA SER A 174 6.22 -0.94 20.23
C SER A 174 6.08 -1.54 21.63
N ASP A 175 6.78 -2.65 21.85
CA ASP A 175 6.78 -3.33 23.15
C ASP A 175 8.19 -3.84 23.41
N LEU A 176 8.86 -3.26 24.41
CA LEU A 176 10.17 -3.74 24.84
C LEU A 176 9.95 -4.57 26.10
N PHE A 177 9.96 -3.95 27.27
CA PHE A 177 9.57 -4.65 28.50
C PHE A 177 8.17 -4.22 28.93
N GLY A 178 7.18 -4.63 28.11
CA GLY A 178 5.79 -4.49 28.49
C GLY A 178 5.15 -3.21 27.97
N LEU A 180 3.58 -2.29 25.43
CA LEU A 180 2.24 -2.43 24.86
C LEU A 180 1.33 -3.13 25.85
N ARG A 181 1.88 -4.14 26.54
CA ARG A 181 1.08 -4.98 27.43
C ARG A 181 0.60 -4.24 28.66
N ILE A 182 1.49 -3.46 29.31
CA ILE A 182 1.13 -2.79 30.56
C ILE A 182 0.00 -1.77 30.38
N PRO A 183 0.07 -0.83 29.43
CA PRO A 183 -1.06 0.09 29.25
C PRO A 183 -2.37 -0.61 28.87
N ALA A 184 -2.31 -1.74 28.17
CA ALA A 184 -3.53 -2.51 27.90
C ALA A 184 -4.18 -2.97 29.21
N HIS A 185 -3.38 -3.58 30.09
CA HIS A 185 -3.81 -3.99 31.43
C HIS A 185 -4.45 -2.83 32.20
N TYR A 186 -3.71 -1.72 32.37
CA TYR A 186 -4.21 -0.64 33.23
C TYR A 186 -5.44 0.05 32.66
N THR A 187 -5.61 0.02 31.34
CA THR A 187 -6.61 0.84 30.66
C THR A 187 -7.79 0.05 30.08
N GLY A 188 -7.72 -1.27 30.12
CA GLY A 188 -8.86 -2.09 29.69
C GLY A 188 -9.02 -2.29 28.20
N VAL A 189 -7.91 -2.44 27.47
CA VAL A 189 -7.97 -2.75 26.04
C VAL A 189 -7.14 -3.99 25.76
N TYR A 190 -7.26 -4.49 24.53
CA TYR A 190 -6.49 -5.64 24.09
C TYR A 190 -5.17 -5.16 23.50
N ALA A 191 -4.14 -6.00 23.64
CA ALA A 191 -2.88 -5.69 22.96
C ALA A 191 -2.25 -7.00 22.53
N HIS A 192 -1.42 -6.92 21.49
CA HIS A 192 -0.62 -8.08 21.11
C HIS A 192 0.80 -7.63 20.79
N ARG A 193 1.76 -8.13 21.57
CA ARG A 193 3.18 -8.00 21.24
C ARG A 193 3.60 -9.20 20.40
N CYS A 194 4.12 -8.93 19.19
CA CYS A 194 4.38 -10.01 18.24
C CYS A 194 5.68 -10.74 18.56
N SER A 195 5.78 -11.97 18.04
CA SER A 195 7.04 -12.72 18.14
C SER A 195 8.19 -11.92 17.55
N LEU A 196 9.37 -12.08 18.14
CA LEU A 196 10.56 -11.41 17.62
C LEU A 196 10.84 -11.91 16.21
N GLY A 197 10.89 -10.99 15.24
CA GLY A 197 11.08 -11.33 13.85
C GLY A 197 9.83 -11.39 13.01
N LEU A 198 8.65 -11.18 13.59
CA LEU A 198 7.45 -11.34 12.79
C LEU A 198 7.06 -10.06 12.05
N MET A 199 7.72 -8.95 12.33
CA MET A 199 7.32 -7.64 11.84
C MET A 199 8.43 -6.67 12.23
N SER A 200 8.61 -5.63 11.41
CA SER A 200 9.71 -4.71 11.64
C SER A 200 9.35 -3.67 12.69
N VAL A 201 10.31 -3.39 13.58
CA VAL A 201 10.20 -2.30 14.53
C VAL A 201 11.14 -1.16 14.16
N ARG A 202 11.76 -1.22 12.98
CA ARG A 202 12.61 -0.13 12.52
C ARG A 202 11.78 1.14 12.32
N GLY A 203 12.45 2.29 12.29
CA GLY A 203 11.76 3.55 12.16
C GLY A 203 11.08 4.01 13.43
N HIS A 204 11.51 3.49 14.58
CA HIS A 204 11.05 3.88 15.89
C HIS A 204 12.11 4.76 16.54
N VAL A 205 11.68 5.70 17.37
CA VAL A 205 12.58 6.56 18.13
C VAL A 205 12.28 6.41 19.61
N PRO A 206 13.21 5.90 20.43
CA PRO A 206 14.61 5.54 20.15
C PRO A 206 14.79 4.41 19.17
N GLY A 207 14.01 3.34 19.20
CA GLY A 207 14.28 2.23 18.30
C GLY A 207 15.74 1.80 18.15
N GLU A 215 17.21 -3.19 13.01
CA GLU A 215 16.24 -4.15 13.54
C GLU A 215 16.54 -4.52 14.99
N PRO A 216 15.87 -3.87 15.94
CA PRO A 216 16.24 -4.04 17.37
C PRO A 216 16.12 -5.49 17.83
N ASP A 217 16.87 -5.80 18.89
CA ASP A 217 17.06 -7.19 19.30
C ASP A 217 16.03 -7.68 20.31
N LEU A 218 15.43 -6.80 21.10
CA LEU A 218 14.41 -7.25 22.04
C LEU A 218 13.05 -6.65 21.79
N SER A 219 12.99 -5.40 21.33
CA SER A 219 11.72 -4.74 21.06
C SER A 219 10.98 -5.44 19.93
N THR A 220 9.67 -5.63 20.14
CA THR A 220 8.80 -6.02 19.03
C THR A 220 7.68 -4.98 18.96
N ALA A 221 6.58 -5.30 18.28
CA ALA A 221 5.51 -4.33 18.10
C ALA A 221 4.21 -5.09 17.85
N GLY A 222 3.11 -4.35 17.78
CA GLY A 222 1.82 -4.97 17.51
C GLY A 222 0.65 -4.06 17.80
N PRO A 223 -0.57 -4.58 17.61
CA PRO A 223 -1.76 -3.75 17.71
C PRO A 223 -2.36 -3.71 19.10
N MET A 224 -3.16 -2.67 19.30
CA MET A 224 -4.15 -2.55 20.37
C MET A 224 -5.52 -2.51 19.72
N ALA A 225 -6.54 -3.02 20.43
CA ALA A 225 -7.88 -3.07 19.85
C ALA A 225 -8.89 -3.39 20.95
N ARG A 226 -10.15 -3.58 20.57
CA ARG A 226 -11.18 -3.88 21.55
C ARG A 226 -11.81 -5.25 21.29
N SER A 227 -11.16 -6.09 20.50
CA SER A 227 -11.59 -7.47 20.30
C SER A 227 -10.41 -8.26 19.79
N ALA A 228 -10.47 -9.58 20.01
CA ALA A 228 -9.42 -10.46 19.53
C ALA A 228 -9.38 -10.50 18.01
N ALA A 229 -10.56 -10.53 17.37
CA ALA A 229 -10.62 -10.57 15.92
C ALA A 229 -9.96 -9.33 15.29
N ASP A 230 -10.12 -8.17 15.95
CA ASP A 230 -9.42 -6.96 15.47
C ASP A 230 -7.91 -7.06 15.65
N LEU A 231 -7.44 -7.65 16.75
CA LEU A 231 -6.01 -7.93 16.82
C LEU A 231 -5.57 -8.77 15.64
N ARG A 232 -6.32 -9.85 15.33
CA ARG A 232 -5.93 -10.74 14.23
C ARG A 232 -5.92 -10.00 12.89
N LEU A 233 -6.91 -9.14 12.68
CA LEU A 233 -6.97 -8.33 11.47
C LEU A 233 -5.71 -7.49 11.29
N MET A 234 -5.36 -6.69 12.31
CA MET A 234 -4.06 -5.99 12.32
C MET A 234 -2.89 -6.89 12.00
N MET A 235 -2.83 -8.10 12.57
CA MET A 235 -1.67 -8.92 12.25
C MET A 235 -1.68 -9.42 10.81
N ARG A 236 -2.87 -9.69 10.23
CA ARG A 236 -2.98 -9.88 8.78
C ARG A 236 -2.31 -8.74 8.02
N ALA A 237 -2.52 -7.51 8.48
CA ALA A 237 -1.94 -6.37 7.78
C ALA A 237 -0.44 -6.25 8.04
N LEU A 238 0.02 -6.56 9.25
CA LEU A 238 1.33 -6.15 9.67
C LEU A 238 2.43 -7.20 9.47
N SER A 239 2.08 -8.47 9.36
CA SER A 239 3.09 -9.52 9.43
C SER A 239 3.97 -9.53 8.19
N THR A 240 5.28 -9.43 8.41
CA THR A 240 6.31 -9.60 7.39
C THR A 240 7.51 -10.24 8.08
N PHE A 241 7.66 -11.55 7.90
CA PHE A 241 8.71 -12.28 8.59
C PHE A 241 10.07 -11.78 8.16
N TRP A 242 10.95 -11.52 9.13
CA TRP A 242 12.33 -11.21 8.85
C TRP A 242 13.28 -12.17 9.55
N VAL A 243 12.76 -13.10 10.35
CA VAL A 243 13.46 -14.31 10.76
C VAL A 243 12.87 -15.48 9.98
N GLU A 244 13.61 -16.58 9.95
CA GLU A 244 13.08 -17.75 9.29
C GLU A 244 12.04 -18.38 10.20
N PRO A 245 10.80 -18.52 9.77
CA PRO A 245 9.76 -18.98 10.67
C PRO A 245 9.97 -20.43 11.08
N PRO A 246 9.85 -20.74 12.38
CA PRO A 246 9.72 -22.15 12.78
C PRO A 246 8.40 -22.75 12.35
N ARG A 247 7.39 -21.91 12.15
CA ARG A 247 6.07 -22.27 11.64
C ARG A 247 5.41 -20.98 11.18
N ILE A 248 4.35 -21.11 10.38
CA ILE A 248 3.65 -19.95 9.84
C ILE A 248 2.37 -19.76 10.67
N PRO A 249 2.25 -18.68 11.44
CA PRO A 249 0.98 -18.39 12.12
C PRO A 249 -0.08 -18.11 11.08
N ASP A 250 -1.29 -18.58 11.35
CA ASP A 250 -2.43 -18.38 10.46
C ASP A 250 -3.33 -17.30 11.05
N PHE A 251 -3.30 -16.12 10.43
CA PHE A 251 -4.13 -15.01 10.83
C PHE A 251 -5.38 -14.87 9.96
N SER A 252 -5.72 -15.87 9.15
CA SER A 252 -6.81 -15.71 8.19
C SER A 252 -8.16 -15.62 8.88
N ARG A 253 -8.36 -16.33 10.00
CA ARG A 253 -9.64 -16.36 10.66
C ARG A 253 -9.47 -17.01 12.02
N TYR A 254 -10.47 -16.83 12.88
CA TYR A 254 -10.46 -17.50 14.18
C TYR A 254 -10.42 -19.01 13.97
N GLN A 255 -9.46 -19.68 14.63
CA GLN A 255 -9.40 -21.15 14.64
C GLN A 255 -9.76 -21.60 16.06
N ALA A 256 -10.96 -22.16 16.22
CA ALA A 256 -11.42 -22.62 17.51
C ALA A 256 -10.92 -24.04 17.76
N LYS A 257 -10.59 -24.33 19.01
CA LYS A 257 -10.06 -25.63 19.39
C LYS A 257 -11.06 -26.40 20.23
N ALA A 258 -11.03 -27.73 20.08
CA ALA A 258 -11.84 -28.61 20.90
C ALA A 258 -11.21 -28.84 22.27
N ASN A 259 -9.88 -28.71 22.36
CA ASN A 259 -9.14 -28.93 23.59
C ASN A 259 -8.14 -27.81 23.80
N TYR A 260 -8.05 -27.34 25.04
CA TYR A 260 -7.02 -26.38 25.43
C TYR A 260 -6.32 -26.90 26.67
N ARG A 261 -5.00 -26.80 26.70
CA ARG A 261 -4.27 -27.12 27.92
C ARG A 261 -3.45 -25.90 28.30
N VAL A 262 -3.77 -25.33 29.45
CA VAL A 262 -3.36 -24.00 29.88
C VAL A 262 -2.45 -24.13 31.08
N CYS A 263 -1.36 -23.37 31.10
CA CYS A 263 -0.47 -23.28 32.24
C CYS A 263 -0.66 -21.91 32.86
N THR A 264 -0.58 -21.83 34.19
CA THR A 264 -0.66 -20.55 34.88
C THR A 264 0.65 -20.28 35.61
N TRP A 265 0.99 -19.01 35.72
CA TRP A 265 2.14 -18.59 36.52
C TRP A 265 1.75 -17.24 37.12
N PHE A 266 1.17 -17.28 38.33
CA PHE A 266 0.59 -16.10 38.95
C PHE A 266 1.38 -15.58 40.14
N SER A 267 2.52 -16.17 40.46
CA SER A 267 3.31 -15.69 41.59
C SER A 267 4.66 -16.37 41.59
N ALA A 268 5.63 -15.70 42.21
CA ALA A 268 6.95 -16.25 42.47
C ALA A 268 7.42 -15.70 43.81
N PRO A 269 8.28 -16.43 44.52
CA PRO A 269 8.78 -15.92 45.81
C PRO A 269 9.34 -14.52 45.66
N HIS A 270 8.87 -13.61 46.53
CA HIS A 270 9.16 -12.18 46.57
C HIS A 270 8.49 -11.41 45.45
N HIS A 271 7.70 -12.07 44.63
CA HIS A 271 7.00 -11.44 43.51
C HIS A 271 5.55 -11.88 43.60
N GLU A 272 4.84 -11.33 44.57
CA GLU A 272 3.42 -11.63 44.73
C GLU A 272 2.58 -10.50 44.13
N ILE A 273 1.36 -10.84 43.73
CA ILE A 273 0.48 -9.85 43.16
C ILE A 273 -0.56 -9.48 44.20
N ASP A 274 -1.22 -8.34 44.01
CA ASP A 274 -2.25 -7.89 44.94
C ASP A 274 -3.42 -8.86 44.96
N GLN A 275 -4.00 -9.03 46.16
CA GLN A 275 -5.06 -10.02 46.32
C GLN A 275 -6.24 -9.77 45.37
N GLN A 276 -6.47 -8.50 45.00
CA GLN A 276 -7.58 -8.20 44.09
C GLN A 276 -7.34 -8.80 42.72
N ILE A 277 -6.12 -8.73 42.22
CA ILE A 277 -5.80 -9.43 40.98
C ILE A 277 -5.93 -10.93 41.18
N ALA A 278 -5.38 -11.43 42.30
CA ALA A 278 -5.44 -12.85 42.61
C ALA A 278 -6.87 -13.38 42.56
N GLN A 279 -7.82 -12.66 43.16
CA GLN A 279 -9.19 -13.14 43.17
C GLN A 279 -9.82 -13.09 41.77
N ARG A 280 -9.52 -12.03 41.02
CA ARG A 280 -10.11 -11.89 39.69
C ARG A 280 -9.51 -12.90 38.72
N PHE A 281 -8.22 -13.23 38.87
CA PHE A 281 -7.64 -14.32 38.10
C PHE A 281 -8.27 -15.65 38.49
N GLN A 282 -8.42 -15.89 39.79
CA GLN A 282 -9.02 -17.16 40.22
C GLN A 282 -10.43 -17.31 39.67
N SER A 283 -11.22 -16.23 39.70
CA SER A 283 -12.58 -16.30 39.18
C SER A 283 -12.60 -16.63 37.69
N PHE A 284 -11.68 -16.03 36.92
CA PHE A 284 -11.51 -16.35 35.50
C PHE A 284 -11.07 -17.81 35.30
N ILE A 285 -10.09 -18.28 36.10
CA ILE A 285 -9.60 -19.65 35.94
C ILE A 285 -10.72 -20.65 36.26
N ASP A 286 -11.54 -20.34 37.28
CA ASP A 286 -12.65 -21.21 37.65
C ASP A 286 -13.59 -21.41 36.46
N LYS A 287 -13.93 -20.33 35.76
CA LYS A 287 -14.80 -20.43 34.60
C LYS A 287 -14.12 -21.20 33.48
N LEU A 288 -12.84 -20.92 33.26
CA LEU A 288 -12.08 -21.63 32.24
C LEU A 288 -12.03 -23.13 32.54
N ARG A 289 -11.80 -23.51 33.80
CA ARG A 289 -11.72 -24.92 34.15
C ARG A 289 -13.04 -25.64 33.95
N ALA A 290 -14.17 -24.92 33.91
CA ALA A 290 -15.49 -25.50 33.74
C ALA A 290 -15.85 -25.75 32.30
N GLN A 291 -14.99 -25.36 31.36
CA GLN A 291 -15.33 -25.55 29.96
C GLN A 291 -14.93 -26.95 29.50
N PRO A 292 -15.78 -27.55 28.65
CA PRO A 292 -15.43 -28.84 28.05
C PRO A 292 -14.06 -28.80 27.37
N GLY A 293 -13.27 -29.84 27.61
CA GLY A 293 -11.99 -30.01 26.94
C GLY A 293 -10.86 -29.10 27.45
N VAL A 294 -11.07 -28.37 28.53
CA VAL A 294 -10.07 -27.44 29.05
C VAL A 294 -9.46 -27.97 30.34
N GLU A 295 -8.12 -28.08 30.36
CA GLU A 295 -7.33 -28.29 31.55
C GLU A 295 -6.50 -27.05 31.88
N VAL A 296 -6.40 -26.71 33.17
CA VAL A 296 -5.59 -25.58 33.63
C VAL A 296 -4.68 -26.08 34.74
N ASP A 297 -3.37 -26.00 34.51
CA ASP A 297 -2.35 -26.50 35.43
C ASP A 297 -1.51 -25.34 35.97
N ASP A 298 -1.19 -25.38 37.26
CA ASP A 298 -0.26 -24.42 37.85
C ASP A 298 1.13 -25.01 37.68
N ALA A 299 1.65 -24.95 36.43
CA ALA A 299 2.76 -25.80 36.05
C ALA A 299 3.97 -25.04 35.47
N MET A 300 4.19 -23.77 35.85
CA MET A 300 5.46 -23.10 35.54
C MET A 300 6.67 -23.98 35.84
N PRO A 301 7.51 -24.28 34.84
CA PRO A 301 8.70 -25.10 35.08
C PRO A 301 9.62 -24.48 36.11
N ALA A 302 10.00 -25.27 37.12
CA ALA A 302 10.98 -24.79 38.08
C ALA A 302 12.37 -24.67 37.48
N ASP A 303 12.60 -25.25 36.29
CA ASP A 303 13.86 -25.07 35.58
C ASP A 303 14.22 -23.61 35.39
N ILE A 304 13.22 -22.73 35.30
CA ILE A 304 13.45 -21.32 35.05
C ILE A 304 13.46 -20.61 36.40
N ASP A 305 14.64 -20.30 36.89
CA ASP A 305 14.70 -19.56 38.13
C ASP A 305 14.27 -18.14 37.82
N PRO A 306 13.21 -17.62 38.41
CA PRO A 306 12.76 -16.25 38.09
C PRO A 306 13.78 -15.20 38.46
N ASP A 307 14.53 -15.41 39.54
CA ASP A 307 15.54 -14.44 39.91
C ASP A 307 16.70 -14.45 38.94
N ALA A 308 17.07 -15.63 38.44
CA ALA A 308 18.10 -15.69 37.41
C ALA A 308 17.64 -14.98 36.15
N LEU A 309 16.38 -15.21 35.76
CA LEU A 309 15.84 -14.56 34.57
C LEU A 309 15.73 -13.05 34.76
N PHE A 310 15.33 -12.60 35.96
CA PHE A 310 15.28 -11.16 36.22
C PHE A 310 16.66 -10.54 36.08
N ASP A 311 17.69 -11.22 36.58
CA ASP A 311 19.04 -10.68 36.46
C ASP A 311 19.43 -10.52 35.00
N ILE A 312 19.09 -11.51 34.16
CA ILE A 312 19.29 -11.39 32.72
C ILE A 312 18.52 -10.20 32.16
N ALA A 313 17.24 -10.09 32.52
CA ALA A 313 16.44 -8.96 32.06
C ALA A 313 17.07 -7.63 32.49
N VAL A 314 17.50 -7.53 33.75
CA VAL A 314 18.12 -6.30 34.23
C VAL A 314 19.35 -5.98 33.40
N LYS A 315 20.15 -7.00 33.11
CA LYS A 315 21.35 -6.78 32.30
C LYS A 315 20.98 -6.28 30.90
N LEU A 316 20.03 -6.94 30.24
CA LEU A 316 19.66 -6.55 28.87
C LEU A 316 19.00 -5.16 28.86
N SER A 317 18.39 -4.75 29.95
CA SER A 317 17.70 -3.49 30.03
C SER A 317 18.64 -2.35 30.46
N ARG A 368 28.61 -14.58 26.85
CA ARG A 368 29.10 -15.96 26.76
C ARG A 368 28.67 -16.78 27.98
N ASN A 369 28.11 -16.10 28.97
CA ASN A 369 27.60 -16.74 30.18
C ASN A 369 26.09 -16.54 30.33
N THR A 370 25.62 -15.29 30.34
CA THR A 370 24.18 -15.05 30.31
C THR A 370 23.54 -15.73 29.10
N ASP A 371 24.20 -15.64 27.94
CA ASP A 371 23.71 -16.30 26.73
C ASP A 371 23.52 -17.79 26.95
N LYS A 372 24.50 -18.42 27.59
CA LYS A 372 24.41 -19.85 27.87
C LYS A 372 23.12 -20.19 28.61
N LEU A 373 22.78 -19.41 29.64
CA LEU A 373 21.57 -19.69 30.39
C LEU A 373 20.32 -19.36 29.55
N ARG A 374 20.37 -18.23 28.85
CA ARG A 374 19.26 -17.79 28.03
C ARG A 374 18.90 -18.84 26.98
N HIS A 375 19.90 -19.42 26.31
CA HIS A 375 19.61 -20.46 25.33
C HIS A 375 19.05 -21.71 25.99
N GLU A 376 19.51 -22.03 27.20
CA GLU A 376 18.99 -23.20 27.88
C GLU A 376 17.55 -22.97 28.33
N TYR A 377 17.25 -21.79 28.89
CA TYR A 377 15.88 -21.50 29.25
C TYR A 377 14.95 -21.50 28.03
N SER A 378 15.46 -21.10 26.87
CA SER A 378 14.58 -21.06 25.70
C SER A 378 14.15 -22.47 25.30
N ARG A 379 15.01 -23.46 25.52
CA ARG A 379 14.61 -24.85 25.30
C ARG A 379 13.56 -25.30 26.31
N VAL A 380 13.68 -24.87 27.57
CA VAL A 380 12.65 -25.21 28.54
C VAL A 380 11.30 -24.61 28.11
N ILE A 381 11.31 -23.43 27.48
CA ILE A 381 10.08 -22.82 27.03
C ILE A 381 9.50 -23.56 25.83
N GLU A 382 10.34 -24.01 24.90
CA GLU A 382 9.83 -24.78 23.77
C GLU A 382 9.11 -26.05 24.24
N THR A 383 9.68 -26.77 25.19
CA THR A 383 9.02 -27.97 25.68
C THR A 383 7.73 -27.63 26.43
N LEU A 384 7.75 -26.55 27.21
CA LEU A 384 6.53 -26.03 27.82
C LEU A 384 5.41 -25.86 26.80
N PHE A 385 5.70 -25.24 25.66
CA PHE A 385 4.65 -24.94 24.70
C PHE A 385 4.41 -26.08 23.71
N ALA A 386 5.17 -27.16 23.82
CA ALA A 386 4.75 -28.41 23.21
C ALA A 386 3.71 -29.12 24.06
N ARG A 387 3.73 -28.90 25.38
CA ARG A 387 2.72 -29.48 26.26
C ARG A 387 1.53 -28.57 26.50
N TYR A 388 1.74 -27.26 26.66
CA TYR A 388 0.64 -26.33 26.89
C TYR A 388 0.43 -25.42 25.68
N ASP A 389 -0.83 -25.15 25.38
CA ASP A 389 -1.15 -24.23 24.29
C ASP A 389 -0.71 -22.81 24.64
N VAL A 390 -1.03 -22.35 25.85
CA VAL A 390 -0.71 -21.00 26.32
C VAL A 390 -0.30 -21.04 27.78
N LEU A 391 0.35 -19.96 28.19
CA LEU A 391 0.72 -19.69 29.58
C LEU A 391 0.11 -18.36 29.99
N LEU A 392 -0.64 -18.35 31.09
CA LEU A 392 -1.30 -17.15 31.59
C LEU A 392 -0.51 -16.57 32.76
N THR A 393 -0.22 -15.27 32.72
CA THR A 393 0.53 -14.61 33.78
C THR A 393 -0.04 -13.22 34.00
N PRO A 394 0.29 -12.59 35.14
CA PRO A 394 -0.05 -11.17 35.32
C PRO A 394 0.69 -10.29 34.33
N VAL A 395 0.25 -9.04 34.26
CA VAL A 395 0.96 -8.01 33.50
C VAL A 395 1.66 -7.08 34.47
N SER A 396 1.04 -6.90 35.64
CA SER A 396 1.48 -6.05 36.74
C SER A 396 0.97 -6.66 38.04
N PRO A 397 1.63 -6.41 39.18
CA PRO A 397 1.08 -6.86 40.46
C PRO A 397 0.00 -5.94 41.02
N VAL A 398 -0.25 -4.80 40.39
CA VAL A 398 -1.27 -3.87 40.84
C VAL A 398 -2.17 -3.48 39.66
N LEU A 399 -3.31 -2.89 39.99
CA LEU A 399 -4.11 -2.13 39.03
C LEU A 399 -3.60 -0.69 38.96
N ALA A 400 -4.27 0.14 38.14
CA ALA A 400 -3.75 1.47 37.81
C ALA A 400 -3.51 2.30 39.06
N PHE A 401 -2.38 2.97 39.09
CA PHE A 401 -1.96 3.74 40.23
C PHE A 401 -1.98 5.24 39.92
N ALA A 402 -2.04 6.05 40.98
CA ALA A 402 -1.94 7.49 40.82
C ALA A 402 -0.57 7.85 40.25
N HIS A 403 -0.53 8.95 39.50
CA HIS A 403 0.69 9.36 38.81
C HIS A 403 1.88 9.40 39.76
N MET A 404 3.04 8.93 39.27
CA MET A 404 4.27 8.91 40.08
CA MET A 404 4.27 8.91 40.08
C MET A 404 5.42 9.39 39.20
N GLN A 405 5.57 10.71 39.10
CA GLN A 405 6.61 11.30 38.27
C GLN A 405 7.81 11.78 39.09
N GLN A 406 7.96 11.30 40.32
CA GLN A 406 9.18 11.48 41.10
C GLN A 406 10.30 10.68 40.43
N PRO A 407 11.56 10.87 40.85
CA PRO A 407 12.60 9.96 40.35
C PRO A 407 12.24 8.52 40.65
N VAL A 408 12.76 7.64 39.79
CA VAL A 408 12.36 6.23 39.78
C VAL A 408 12.46 5.63 41.17
N ARG A 409 13.57 5.91 41.87
CA ARG A 409 13.91 5.21 43.13
C ARG A 409 12.78 5.31 44.15
N LYS A 410 12.08 6.43 44.16
CA LYS A 410 11.02 6.70 45.12
C LYS A 410 9.66 6.21 44.63
N ARG A 411 9.58 5.63 43.44
CA ARG A 411 8.33 5.10 42.94
C ARG A 411 8.04 3.72 43.52
N LYS A 412 6.85 3.55 44.09
CA LYS A 412 6.46 2.31 44.72
C LYS A 412 5.15 1.81 44.14
N LEU A 413 4.97 0.51 44.17
CA LEU A 413 3.69 -0.12 43.88
C LEU A 413 3.20 -0.79 45.16
N ILE A 414 1.98 -0.48 45.57
CA ILE A 414 1.41 -1.00 46.81
C ILE A 414 0.72 -2.33 46.53
N VAL A 415 1.32 -3.41 47.01
CA VAL A 415 0.79 -4.77 46.85
C VAL A 415 0.39 -5.27 48.24
N ASN A 416 -0.91 -5.51 48.42
CA ASN A 416 -1.46 -6.02 49.69
C ASN A 416 -1.06 -5.14 50.87
N GLY A 417 -1.02 -3.82 50.63
CA GLY A 417 -0.62 -2.87 51.64
C GLY A 417 0.87 -2.63 51.77
N GLU A 418 1.70 -3.48 51.17
CA GLU A 418 3.13 -3.23 51.33
C GLU A 418 3.68 -2.54 50.08
N PRO A 419 4.70 -1.67 50.24
CA PRO A 419 5.34 -1.05 49.10
C PRO A 419 6.19 -2.08 48.35
N GLN A 420 6.15 -2.05 47.02
CA GLN A 420 6.99 -2.95 46.21
C GLN A 420 7.73 -2.15 45.14
N ASP A 421 8.74 -2.76 44.51
CA ASP A 421 9.57 -2.04 43.53
C ASP A 421 8.81 -1.72 42.24
N TYR A 422 9.05 -0.53 41.70
CA TYR A 422 8.46 -0.14 40.41
C TYR A 422 8.88 -1.16 39.36
N ASN A 423 10.02 -1.82 39.58
CA ASN A 423 10.50 -2.73 38.55
C ASN A 423 9.77 -4.07 38.55
N GLU A 424 8.74 -4.24 39.39
CA GLU A 424 7.88 -5.40 39.26
C GLU A 424 7.22 -5.43 37.87
N HIS A 425 7.14 -4.28 37.20
CA HIS A 425 6.68 -4.24 35.83
C HIS A 425 7.59 -5.06 34.93
N LEU A 426 8.90 -4.95 35.16
CA LEU A 426 9.84 -5.70 34.35
C LEU A 426 9.75 -7.19 34.65
N PHE A 427 9.60 -7.55 35.93
CA PHE A 427 9.51 -8.96 36.29
C PHE A 427 8.39 -9.66 35.53
N TRP A 428 7.20 -9.06 35.49
CA TRP A 428 6.05 -9.74 34.91
C TRP A 428 5.96 -9.57 33.39
N ASN A 429 6.94 -8.95 32.76
CA ASN A 429 6.95 -8.86 31.31
C ASN A 429 8.26 -9.35 30.68
N MET A 430 9.25 -9.80 31.48
CA MET A 430 10.55 -10.12 30.90
C MET A 430 10.47 -11.40 30.07
N LEU A 431 9.60 -12.33 30.49
CA LEU A 431 9.56 -13.66 29.88
C LEU A 431 9.34 -13.58 28.38
N ALA A 432 8.26 -12.92 27.95
CA ALA A 432 8.04 -12.76 26.51
C ALA A 432 9.14 -11.93 25.88
N THR A 433 9.61 -10.88 26.56
CA THR A 433 10.65 -10.05 25.98
C THR A 433 11.93 -10.85 25.76
N VAL A 434 12.42 -11.51 26.81
CA VAL A 434 13.75 -12.10 26.75
C VAL A 434 13.83 -13.21 25.71
N PHE A 435 12.75 -13.96 25.51
CA PHE A 435 12.72 -15.11 24.61
C PHE A 435 11.95 -14.84 23.32
N GLY A 436 11.66 -13.57 23.04
CA GLY A 436 11.04 -13.20 21.78
C GLY A 436 9.67 -13.81 21.60
N LEU A 437 8.89 -13.90 22.66
CA LEU A 437 7.65 -14.67 22.58
C LEU A 437 6.48 -13.75 22.26
N PRO A 438 5.45 -14.28 21.62
CA PRO A 438 4.20 -13.54 21.48
C PRO A 438 3.44 -13.47 22.80
N ALA A 439 2.76 -12.35 23.01
CA ALA A 439 1.96 -12.19 24.22
C ALA A 439 0.74 -11.34 23.91
N THR A 440 -0.45 -11.90 24.10
CA THR A 440 -1.68 -11.12 24.00
C THR A 440 -2.16 -10.75 25.39
N VAL A 441 -2.56 -9.49 25.58
CA VAL A 441 -3.15 -9.06 26.85
C VAL A 441 -4.65 -8.87 26.65
N TYR A 442 -5.43 -9.55 27.49
CA TYR A 442 -6.87 -9.69 27.38
C TYR A 442 -7.56 -9.06 28.58
N PRO A 443 -8.50 -8.12 28.40
CA PRO A 443 -9.14 -7.47 29.55
C PRO A 443 -10.15 -8.39 30.24
N LEU A 444 -9.97 -8.56 31.55
CA LEU A 444 -10.92 -9.36 32.31
C LEU A 444 -12.13 -8.49 32.66
N ALA A 445 -13.23 -9.15 33.01
CA ALA A 445 -14.42 -8.49 33.47
C ALA A 445 -14.10 -7.45 34.54
N LYS A 446 -14.92 -6.40 34.61
CA LYS A 446 -14.82 -5.42 35.68
C LYS A 446 -16.20 -5.06 36.18
N THR A 447 -16.35 -4.93 37.49
CA THR A 447 -17.53 -4.23 37.98
C THR A 447 -17.34 -2.74 37.76
N MET A 448 -18.44 -1.99 37.87
CA MET A 448 -18.34 -0.56 37.74
C MET A 448 -17.51 0.08 38.85
N ASP A 449 -17.26 -0.66 39.93
CA ASP A 449 -16.47 -0.18 41.06
C ASP A 449 -15.04 -0.71 41.05
N GLU A 450 -14.67 -1.46 40.02
CA GLU A 450 -13.34 -2.02 39.87
C GLU A 450 -12.61 -1.28 38.76
N LEU A 451 -11.29 -1.22 38.88
CA LEU A 451 -10.46 -0.77 37.79
C LEU A 451 -10.24 -1.92 36.79
N PRO A 452 -9.83 -1.60 35.55
CA PRO A 452 -9.54 -2.66 34.58
C PRO A 452 -8.40 -3.56 35.07
N CYS A 453 -8.42 -4.81 34.60
CA CYS A 453 -7.36 -5.76 34.94
C CYS A 453 -7.19 -6.69 33.77
N GLY A 454 -5.98 -6.79 33.23
CA GLY A 454 -5.71 -7.68 32.13
C GLY A 454 -4.96 -8.95 32.56
N ILE A 455 -5.02 -9.95 31.69
CA ILE A 455 -4.24 -11.18 31.84
C ILE A 455 -3.37 -11.35 30.60
N GLN A 456 -2.16 -11.86 30.81
CA GLN A 456 -1.17 -12.00 29.74
C GLN A 456 -1.15 -13.45 29.25
N ILE A 457 -1.39 -13.62 27.94
CA ILE A 457 -1.50 -14.91 27.29
C ILE A 457 -0.24 -15.11 26.45
N ILE A 458 0.63 -16.02 26.87
CA ILE A 458 1.92 -16.20 26.21
C ILE A 458 1.95 -17.54 25.49
N SER A 459 2.68 -17.61 24.37
CA SER A 459 2.92 -18.91 23.76
C SER A 459 4.29 -18.95 23.13
N GLY A 460 4.58 -20.06 22.45
CA GLY A 460 5.89 -20.28 21.86
C GLY A 460 6.19 -19.30 20.75
N HIS A 461 7.46 -19.28 20.35
CA HIS A 461 7.90 -18.41 19.28
C HIS A 461 7.11 -18.68 18.01
N PHE A 462 6.61 -17.60 17.40
CA PHE A 462 5.75 -17.63 16.21
C PHE A 462 4.43 -18.39 16.43
N HIS A 463 3.96 -18.48 17.68
CA HIS A 463 2.61 -18.93 17.98
C HIS A 463 1.64 -17.76 18.18
N ASP A 464 1.85 -16.65 17.46
CA ASP A 464 1.01 -15.47 17.65
C ASP A 464 -0.46 -15.78 17.40
N ASP A 465 -0.75 -16.66 16.45
CA ASP A 465 -2.13 -17.02 16.16
C ASP A 465 -2.76 -17.73 17.35
N VAL A 466 -1.95 -18.51 18.08
CA VAL A 466 -2.46 -19.29 19.21
C VAL A 466 -2.94 -18.37 20.33
N THR A 467 -2.13 -17.34 20.67
CA THR A 467 -2.54 -16.49 21.79
C THR A 467 -3.75 -15.65 21.42
N ILE A 468 -3.79 -15.17 20.17
CA ILE A 468 -4.94 -14.37 19.75
C ILE A 468 -6.19 -15.24 19.65
N ASN A 469 -6.03 -16.46 19.13
CA ASN A 469 -7.17 -17.39 19.13
C ASN A 469 -7.59 -17.73 20.55
N PHE A 470 -6.63 -17.85 21.47
CA PHE A 470 -7.04 -18.14 22.84
C PHE A 470 -7.85 -16.98 23.42
N ALA A 471 -7.45 -15.73 23.14
CA ALA A 471 -8.23 -14.59 23.60
C ALA A 471 -9.66 -14.60 23.04
N GLU A 472 -9.82 -14.95 21.76
CA GLU A 472 -11.16 -15.01 21.19
C GLU A 472 -12.00 -16.11 21.83
N PHE A 473 -11.38 -17.26 22.13
CA PHE A 473 -12.08 -18.29 22.90
C PHE A 473 -12.50 -17.77 24.27
N CYS A 474 -11.61 -17.05 24.96
CA CYS A 474 -11.97 -16.48 26.25
C CYS A 474 -13.14 -15.52 26.17
N GLU A 475 -13.30 -14.83 25.05
CA GLU A 475 -14.43 -13.92 24.90
C GLU A 475 -15.76 -14.65 25.03
N SER A 476 -15.78 -15.95 24.79
CA SER A 476 -16.96 -16.79 24.98
CA SER A 476 -17.00 -16.73 25.00
C SER A 476 -17.17 -17.19 26.43
N ILE A 477 -16.27 -16.81 27.34
CA ILE A 477 -16.27 -17.32 28.71
C ILE A 477 -16.48 -16.19 29.71
N SER A 478 -15.55 -15.23 29.72
CA SER A 478 -15.57 -14.11 30.66
C SER A 478 -14.65 -13.02 30.12
N GLY A 479 -14.98 -11.79 30.43
CA GLY A 479 -14.11 -10.68 30.07
C GLY A 479 -14.45 -10.10 28.70
N GLY A 480 -13.56 -9.25 28.21
CA GLY A 480 -13.77 -8.50 26.99
C GLY A 480 -13.72 -7.00 27.24
N PHE A 481 -14.00 -6.23 26.20
CA PHE A 481 -13.99 -4.78 26.38
C PHE A 481 -15.24 -4.31 27.09
N THR A 482 -15.04 -3.42 28.07
CA THR A 482 -16.11 -2.70 28.76
C THR A 482 -15.96 -1.20 28.46
N VAL A 483 -17.07 -0.56 28.11
CA VAL A 483 -17.05 0.88 27.81
C VAL A 483 -17.01 1.65 29.12
N PRO A 484 -16.06 2.56 29.30
CA PRO A 484 -16.04 3.37 30.53
C PRO A 484 -17.23 4.30 30.58
N GLU A 485 -17.67 4.59 31.81
CA GLU A 485 -18.86 5.38 32.03
C GLU A 485 -18.61 6.82 31.62
N GLY A 486 -19.56 7.41 30.89
CA GLY A 486 -19.39 8.75 30.36
C GLY A 486 -18.98 8.80 28.91
N TYR A 487 -18.54 7.69 28.33
CA TYR A 487 -18.12 7.64 26.95
C TYR A 487 -19.15 6.89 26.11
N GLY A 488 -19.10 7.12 24.80
CA GLY A 488 -20.21 6.79 23.90
C GLY A 488 -20.80 5.38 23.89
N GLU B 3 5.04 -11.71 -1.05
CA GLU B 3 5.45 -10.47 -1.71
C GLU B 3 4.23 -9.78 -2.34
N GLN B 4 3.86 -8.60 -1.83
CA GLN B 4 2.59 -7.99 -2.23
C GLN B 4 2.63 -7.52 -3.69
N SER B 5 1.46 -7.51 -4.33
CA SER B 5 1.34 -7.28 -5.76
C SER B 5 0.77 -5.90 -6.05
N TYR B 6 1.05 -5.44 -7.25
CA TYR B 6 0.52 -4.18 -7.78
C TYR B 6 1.02 -2.97 -6.99
N ARG B 7 2.24 -3.05 -6.49
CA ARG B 7 2.84 -1.84 -5.91
C ARG B 7 3.28 -0.98 -7.10
N SER B 8 3.17 0.35 -6.98
CA SER B 8 3.64 1.28 -8.00
C SER B 8 5.16 1.34 -8.02
N ALA B 9 5.69 1.82 -9.14
CA ALA B 9 7.13 2.06 -9.24
C ALA B 9 7.60 3.06 -8.19
N GLY B 10 6.79 4.10 -7.92
CA GLY B 10 7.15 5.03 -6.85
C GLY B 10 7.23 4.34 -5.49
N THR B 11 6.22 3.52 -5.17
CA THR B 11 6.26 2.75 -3.92
C THR B 11 7.48 1.84 -3.86
N LEU B 12 7.75 1.11 -4.95
CA LEU B 12 8.86 0.17 -4.98
C LEU B 12 10.19 0.85 -4.75
N LEU B 13 10.40 2.02 -5.38
CA LEU B 13 11.66 2.73 -5.22
C LEU B 13 11.85 3.20 -3.78
N ALA B 14 10.78 3.71 -3.16
CA ALA B 14 10.88 4.05 -1.74
C ALA B 14 11.15 2.81 -0.90
N GLN B 15 10.52 1.67 -1.25
CA GLN B 15 10.75 0.45 -0.47
C GLN B 15 12.19 -0.03 -0.60
N LEU B 16 12.79 0.14 -1.78
CA LEU B 16 14.18 -0.25 -1.96
C LEU B 16 15.10 0.61 -1.12
N ALA B 17 14.88 1.93 -1.10
CA ALA B 17 15.70 2.83 -0.31
C ALA B 17 15.59 2.55 1.18
N SER B 18 14.40 2.15 1.64
CA SER B 18 14.15 1.88 3.05
C SER B 18 14.50 0.46 3.46
N GLY B 19 14.99 -0.36 2.54
CA GLY B 19 15.27 -1.74 2.83
C GLY B 19 14.06 -2.62 3.04
N GLU B 20 12.83 -2.11 2.85
CA GLU B 20 11.68 -2.98 3.01
C GLU B 20 11.63 -4.07 1.96
N THR B 21 12.36 -3.92 0.87
CA THR B 21 12.43 -4.94 -0.16
C THR B 21 13.76 -4.81 -0.89
N THR B 22 14.05 -5.79 -1.74
CA THR B 22 15.27 -5.79 -2.53
C THR B 22 14.94 -6.01 -3.99
N SER B 23 15.87 -5.65 -4.87
CA SER B 23 15.63 -5.90 -6.29
C SER B 23 15.56 -7.39 -6.59
N VAL B 24 16.35 -8.20 -5.89
CA VAL B 24 16.29 -9.64 -6.09
C VAL B 24 14.91 -10.18 -5.75
N ALA B 25 14.32 -9.69 -4.66
CA ALA B 25 12.97 -10.09 -4.29
C ALA B 25 11.96 -9.64 -5.33
N LEU B 26 12.11 -8.40 -5.81
CA LEU B 26 11.21 -7.88 -6.84
C LEU B 26 11.28 -8.70 -8.12
N VAL B 27 12.49 -9.04 -8.57
CA VAL B 27 12.66 -9.88 -9.76
C VAL B 27 12.01 -11.24 -9.54
N ASN B 28 12.19 -11.84 -8.36
CA ASN B 28 11.55 -13.13 -8.08
C ASN B 28 10.02 -13.00 -8.08
N HIS B 29 9.50 -11.92 -7.49
CA HIS B 29 8.06 -11.69 -7.46
C HIS B 29 7.47 -11.66 -8.87
N TYR B 30 8.08 -10.89 -9.78
CA TYR B 30 7.52 -10.75 -11.12
C TYR B 30 7.66 -12.03 -11.92
N PHE B 31 8.77 -12.75 -11.72
CA PHE B 31 8.93 -14.02 -12.43
C PHE B 31 8.02 -15.08 -11.83
N SER B 32 7.66 -14.95 -10.55
CA SER B 32 6.66 -15.82 -9.95
C SER B 32 5.28 -15.57 -10.57
N ARG B 33 4.87 -14.30 -10.69
CA ARG B 33 3.57 -14.01 -11.27
C ARG B 33 3.50 -14.43 -12.73
N MET B 34 4.60 -14.22 -13.45
CA MET B 34 4.71 -14.63 -14.84
C MET B 34 4.48 -16.13 -14.97
N ALA B 35 5.06 -16.91 -14.06
CA ALA B 35 4.86 -18.35 -14.10
C ALA B 35 3.41 -18.72 -13.81
N GLN B 36 2.75 -17.97 -12.91
CA GLN B 36 1.38 -18.33 -12.53
C GLN B 36 0.36 -17.94 -13.60
N PHE B 37 0.61 -16.86 -14.34
CA PHE B 37 -0.43 -16.26 -15.18
C PHE B 37 -0.06 -16.02 -16.63
N ASN B 38 1.21 -15.96 -17.01
CA ASN B 38 1.53 -15.50 -18.36
C ASN B 38 1.22 -16.53 -19.43
N LYS B 39 1.09 -17.80 -19.05
CA LYS B 39 0.84 -18.83 -20.06
C LYS B 39 -0.50 -18.64 -20.77
N PRO B 40 -1.65 -18.46 -20.11
CA PRO B 40 -2.87 -18.16 -20.88
C PRO B 40 -2.86 -16.79 -21.54
N LEU B 41 -2.03 -15.86 -21.07
CA LEU B 41 -2.04 -14.51 -21.64
C LEU B 41 -1.08 -14.37 -22.80
N ASN B 42 0.05 -15.06 -22.75
CA ASN B 42 1.14 -14.92 -23.71
C ASN B 42 1.51 -13.44 -23.90
N ALA B 43 1.76 -12.78 -22.77
CA ALA B 43 2.06 -11.35 -22.76
C ALA B 43 3.55 -11.09 -22.91
N VAL B 44 4.38 -11.79 -22.14
CA VAL B 44 5.83 -11.63 -22.23
C VAL B 44 6.40 -12.83 -22.97
N VAL B 45 7.05 -12.57 -24.10
CA VAL B 45 7.60 -13.60 -24.96
C VAL B 45 9.01 -14.00 -24.51
N GLN B 46 9.94 -13.04 -24.42
CA GLN B 46 11.29 -13.30 -23.95
C GLN B 46 11.37 -12.96 -22.48
N GLN B 47 11.93 -13.87 -21.68
CA GLN B 47 12.23 -13.61 -20.29
C GLN B 47 13.60 -14.18 -19.97
N HIS B 48 14.48 -13.36 -19.42
CA HIS B 48 15.85 -13.74 -19.10
C HIS B 48 16.02 -13.60 -17.58
N TYR B 49 15.52 -14.60 -16.86
CA TYR B 49 15.58 -14.60 -15.41
C TYR B 49 17.00 -14.68 -14.88
N ALA B 50 17.95 -15.10 -15.74
CA ALA B 50 19.34 -15.20 -15.31
C ALA B 50 20.02 -13.83 -15.36
N LEU B 51 19.96 -13.15 -16.51
CA LEU B 51 20.53 -11.81 -16.58
C LEU B 51 19.89 -10.87 -15.56
N ALA B 52 18.56 -10.92 -15.45
CA ALA B 52 17.87 -9.96 -14.60
C ALA B 52 18.23 -10.17 -13.13
N LEU B 53 18.29 -11.43 -12.69
CA LEU B 53 18.59 -11.72 -11.29
C LEU B 53 20.01 -11.32 -10.93
N GLU B 54 20.93 -11.30 -11.90
CA GLU B 54 22.29 -10.84 -11.58
C GLU B 54 22.37 -9.33 -11.60
N ALA B 55 21.65 -8.67 -12.53
CA ALA B 55 21.48 -7.23 -12.44
C ALA B 55 20.81 -6.85 -11.12
N ALA B 56 19.87 -7.67 -10.65
CA ALA B 56 19.23 -7.43 -9.36
C ALA B 56 20.24 -7.48 -8.23
N ALA B 57 21.07 -8.53 -8.18
CA ALA B 57 22.01 -8.63 -7.08
C ALA B 57 23.08 -7.55 -7.17
N ARG B 58 23.45 -7.13 -8.38
CA ARG B 58 24.33 -5.97 -8.51
C ARG B 58 23.69 -4.71 -7.91
N ALA B 59 22.42 -4.45 -8.26
CA ALA B 59 21.75 -3.28 -7.71
C ALA B 59 21.67 -3.35 -6.19
N ASP B 60 21.43 -4.54 -5.64
CA ASP B 60 21.32 -4.66 -4.19
C ASP B 60 22.66 -4.41 -3.50
N ARG B 61 23.75 -4.95 -4.05
CA ARG B 61 25.07 -4.65 -3.47
C ARG B 61 25.38 -3.16 -3.58
N GLU B 62 25.16 -2.55 -4.75
CA GLU B 62 25.35 -1.11 -4.89
C GLU B 62 24.53 -0.34 -3.85
N ARG B 63 23.25 -0.69 -3.68
CA ARG B 63 22.45 -0.01 -2.67
C ARG B 63 23.04 -0.21 -1.28
N LEU B 64 23.39 -1.44 -0.94
CA LEU B 64 23.96 -1.74 0.36
C LEU B 64 25.21 -0.89 0.63
N GLU B 65 25.98 -0.57 -0.41
CA GLU B 65 27.26 0.10 -0.22
C GLU B 65 27.20 1.60 -0.50
N GLY B 66 26.00 2.17 -0.60
CA GLY B 66 25.90 3.60 -0.81
C GLY B 66 26.39 4.06 -2.16
N ARG B 67 26.33 3.19 -3.18
CA ARG B 67 26.84 3.52 -4.51
C ARG B 67 25.74 3.55 -5.57
N ALA B 68 24.47 3.52 -5.18
CA ALA B 68 23.40 3.43 -6.17
C ALA B 68 23.20 4.80 -6.82
N ARG B 69 23.06 4.79 -8.14
CA ARG B 69 22.84 6.00 -8.92
C ARG B 69 21.71 5.74 -9.91
N GLY B 70 21.00 6.81 -10.26
CA GLY B 70 19.97 6.73 -11.30
C GLY B 70 18.56 6.69 -10.76
N VAL B 71 17.62 7.39 -11.43
CA VAL B 71 16.30 7.57 -10.85
C VAL B 71 15.47 6.30 -10.84
N LEU B 72 15.92 5.23 -11.50
CA LEU B 72 15.20 3.95 -11.55
C LEU B 72 16.00 2.81 -10.92
N HIS B 73 16.96 3.13 -10.07
CA HIS B 73 17.94 2.12 -9.65
C HIS B 73 17.27 0.93 -8.97
N GLY B 74 17.52 -0.25 -9.50
CA GLY B 74 16.99 -1.46 -8.92
C GLY B 74 15.56 -1.78 -9.29
N LEU B 75 14.92 -0.96 -10.14
CA LEU B 75 13.53 -1.20 -10.50
C LEU B 75 13.44 -2.13 -11.70
N PRO B 76 12.84 -3.31 -11.58
CA PRO B 76 12.69 -4.21 -12.74
C PRO B 76 11.63 -3.70 -13.72
N CYS B 77 11.76 -4.10 -14.98
CA CYS B 77 10.74 -3.80 -15.98
C CYS B 77 10.96 -4.63 -17.24
N THR B 78 9.94 -4.62 -18.10
CA THR B 78 10.01 -5.14 -19.45
C THR B 78 9.87 -4.00 -20.46
N VAL B 79 10.21 -4.30 -21.73
CA VAL B 79 10.18 -3.31 -22.81
C VAL B 79 9.54 -3.93 -24.04
N LYS B 80 9.11 -3.07 -24.97
CA LYS B 80 8.54 -3.52 -26.24
C LYS B 80 9.55 -4.35 -27.03
N GLU B 81 9.09 -5.53 -27.50
CA GLU B 81 9.86 -6.41 -28.39
C GLU B 81 10.63 -5.65 -29.46
N SER B 82 9.98 -4.70 -30.10
CA SER B 82 10.55 -4.06 -31.28
C SER B 82 11.64 -3.04 -30.95
N PHE B 83 12.14 -3.00 -29.72
CA PHE B 83 13.26 -2.15 -29.35
C PHE B 83 14.50 -3.00 -29.12
N ASP B 84 15.66 -2.42 -29.42
CA ASP B 84 16.94 -3.13 -29.28
C ASP B 84 17.38 -3.17 -27.82
N VAL B 85 17.66 -4.36 -27.31
CA VAL B 85 18.40 -4.54 -26.07
C VAL B 85 19.69 -5.27 -26.39
N GLN B 86 20.81 -4.71 -25.95
CA GLN B 86 22.14 -5.23 -26.25
C GLN B 86 22.28 -6.69 -25.86
N GLY B 87 22.27 -7.58 -26.85
CA GLY B 87 22.35 -9.00 -26.63
C GLY B 87 21.04 -9.75 -26.70
N TRP B 88 19.96 -9.09 -27.09
CA TRP B 88 18.62 -9.66 -27.07
C TRP B 88 18.05 -9.74 -28.48
N LEU B 89 17.36 -10.83 -28.77
CA LEU B 89 16.72 -11.00 -30.06
C LEU B 89 15.64 -9.94 -30.29
N THR B 90 15.90 -8.99 -31.18
CA THR B 90 14.92 -7.95 -31.51
C THR B 90 14.11 -8.42 -32.73
N THR B 91 13.27 -9.42 -32.46
CA THR B 91 12.65 -10.20 -33.53
C THR B 91 11.54 -9.41 -34.24
N SER B 92 10.74 -8.66 -33.48
CA SER B 92 9.54 -8.04 -33.99
C SER B 92 8.54 -9.07 -34.51
N GLY B 93 8.59 -10.27 -33.94
CA GLY B 93 7.64 -11.33 -34.22
C GLY B 93 7.68 -11.90 -35.63
N ALA B 94 8.51 -11.30 -36.49
CA ALA B 94 8.55 -11.63 -37.91
C ALA B 94 9.47 -12.82 -38.16
N HIS B 95 9.71 -13.12 -39.44
CA HIS B 95 10.67 -14.13 -39.87
C HIS B 95 11.75 -13.59 -40.79
N TYR B 96 11.46 -12.57 -41.59
CA TYR B 96 12.52 -11.91 -42.35
C TYR B 96 13.35 -10.97 -41.48
N LEU B 97 13.15 -11.01 -40.15
CA LEU B 97 14.07 -10.46 -39.17
C LEU B 97 14.11 -11.34 -37.92
N LYS B 98 13.81 -12.63 -38.10
CA LYS B 98 13.55 -13.53 -36.98
C LYS B 98 14.75 -13.69 -36.06
N ASP B 99 15.96 -13.74 -36.64
CA ASP B 99 17.17 -14.02 -35.87
C ASP B 99 18.09 -12.80 -35.83
N ASN B 100 17.50 -11.61 -35.90
CA ASN B 100 18.25 -10.36 -35.77
C ASN B 100 18.51 -10.13 -34.28
N ARG B 101 19.66 -10.60 -33.82
CA ARG B 101 20.08 -10.31 -32.46
C ARG B 101 20.72 -8.93 -32.41
N ALA B 102 20.43 -8.18 -31.34
CA ALA B 102 20.83 -6.79 -31.27
C ALA B 102 22.26 -6.65 -30.80
N THR B 103 22.96 -5.67 -31.36
CA THR B 103 24.34 -5.38 -31.00
C THR B 103 24.42 -4.35 -29.88
N GLN B 104 23.56 -3.33 -29.94
CA GLN B 104 23.59 -2.21 -29.03
C GLN B 104 22.22 -2.03 -28.39
N ASP B 105 22.19 -1.37 -27.24
CA ASP B 105 20.95 -0.84 -26.71
C ASP B 105 20.44 0.26 -27.63
N ALA B 106 19.12 0.34 -27.81
CA ALA B 106 18.55 1.54 -28.39
C ALA B 106 18.81 2.72 -27.46
N PRO B 107 18.81 3.94 -27.98
CA PRO B 107 19.10 5.11 -27.10
C PRO B 107 18.20 5.21 -25.89
N SER B 108 16.88 4.97 -26.04
CA SER B 108 15.99 5.06 -24.87
C SER B 108 16.16 3.86 -23.95
N ILE B 109 16.38 2.67 -24.52
CA ILE B 109 16.78 1.53 -23.70
C ILE B 109 18.08 1.84 -22.95
N ALA B 110 18.97 2.61 -23.57
CA ALA B 110 20.22 2.97 -22.92
C ALA B 110 19.97 3.88 -21.72
N ARG B 111 19.17 4.94 -21.92
CA ARG B 111 18.78 5.79 -20.80
C ARG B 111 18.19 4.96 -19.66
N LEU B 112 17.37 3.97 -20.01
CA LEU B 112 16.69 3.17 -19.00
C LEU B 112 17.68 2.39 -18.16
N ARG B 113 18.66 1.74 -18.81
CA ARG B 113 19.72 1.05 -18.09
C ARG B 113 20.57 2.02 -17.29
N ALA B 114 20.94 3.15 -17.89
CA ALA B 114 21.70 4.18 -17.17
C ALA B 114 20.93 4.71 -15.97
N ALA B 115 19.60 4.73 -16.05
CA ALA B 115 18.80 5.14 -14.90
C ALA B 115 18.74 4.08 -13.82
N GLY B 116 19.24 2.88 -14.08
CA GLY B 116 19.27 1.84 -13.07
C GLY B 116 18.23 0.75 -13.22
N ALA B 117 17.43 0.77 -14.28
CA ALA B 117 16.39 -0.23 -14.45
C ALA B 117 16.98 -1.61 -14.75
N ILE B 118 16.25 -2.64 -14.35
CA ILE B 118 16.64 -4.02 -14.59
C ILE B 118 15.70 -4.59 -15.65
N LEU B 119 16.22 -4.73 -16.87
CA LEU B 119 15.43 -5.23 -18.00
C LEU B 119 15.25 -6.74 -17.87
N MET B 120 14.00 -7.17 -17.67
CA MET B 120 13.64 -8.57 -17.42
C MET B 120 13.39 -9.33 -18.72
N GLY B 121 12.71 -8.71 -19.66
CA GLY B 121 12.27 -9.41 -20.85
C GLY B 121 11.55 -8.46 -21.79
N LYS B 122 10.93 -9.04 -22.81
CA LYS B 122 10.26 -8.25 -23.84
C LYS B 122 8.83 -8.76 -24.01
N THR B 123 7.96 -7.86 -24.42
CA THR B 123 6.54 -8.15 -24.52
C THR B 123 6.13 -8.24 -25.99
N ASN B 124 5.08 -9.04 -26.23
CA ASN B 124 4.67 -9.38 -27.58
C ASN B 124 4.26 -8.14 -28.39
N VAL B 125 4.49 -8.22 -29.70
CA VAL B 125 4.10 -7.19 -30.67
C VAL B 125 3.49 -7.87 -31.90
N PRO B 126 2.82 -7.14 -32.79
CA PRO B 126 2.44 -7.70 -34.10
C PRO B 126 3.59 -7.54 -35.09
N MET B 127 3.37 -8.02 -36.31
CA MET B 127 4.44 -7.98 -37.31
C MET B 127 4.81 -6.55 -37.64
N MET B 128 6.07 -6.20 -37.40
CA MET B 128 6.61 -4.88 -37.72
C MET B 128 5.78 -3.76 -37.09
N THR B 129 5.14 -4.07 -35.96
CA THR B 129 4.36 -3.12 -35.15
C THR B 129 3.39 -2.32 -36.01
N ALA B 130 2.80 -2.98 -37.01
CA ALA B 130 1.96 -2.32 -38.00
C ALA B 130 0.47 -2.50 -37.76
N ASP B 131 0.08 -3.21 -36.70
CA ASP B 131 -1.32 -3.51 -36.47
C ASP B 131 -1.80 -3.01 -35.11
N TRP B 132 -3.13 -2.89 -34.99
CA TRP B 132 -3.82 -2.59 -33.74
C TRP B 132 -4.27 -3.85 -33.02
N GLN B 133 -3.59 -4.97 -33.26
CA GLN B 133 -3.67 -6.16 -32.44
C GLN B 133 -2.24 -6.61 -32.17
N THR B 134 -2.08 -7.64 -31.35
CA THR B 134 -0.77 -8.17 -30.99
C THR B 134 -0.77 -9.68 -31.19
N TYR B 135 -0.32 -10.10 -32.38
CA TYR B 135 -0.30 -11.49 -32.81
C TYR B 135 0.85 -11.67 -33.80
N ASN B 136 1.41 -12.88 -33.83
CA ASN B 136 2.33 -13.32 -34.87
C ASN B 136 2.58 -14.81 -34.69
N ASP B 137 2.88 -15.48 -35.81
CA ASP B 137 3.01 -16.94 -35.82
C ASP B 137 4.19 -17.43 -34.98
N LEU B 138 5.14 -16.56 -34.69
CA LEU B 138 6.35 -16.97 -33.98
C LEU B 138 6.07 -17.19 -32.50
N TYR B 139 5.46 -16.21 -31.84
CA TYR B 139 5.15 -16.32 -30.42
C TYR B 139 3.69 -16.63 -30.14
N GLY B 140 2.78 -16.20 -31.02
CA GLY B 140 1.37 -16.43 -30.85
C GLY B 140 0.58 -15.13 -30.78
N THR B 141 -0.55 -15.18 -30.08
CA THR B 141 -1.41 -14.02 -29.90
C THR B 141 -1.48 -13.70 -28.42
N THR B 142 -1.30 -12.42 -28.08
CA THR B 142 -1.49 -11.98 -26.72
C THR B 142 -2.97 -11.86 -26.43
N HIS B 143 -3.38 -12.36 -25.27
CA HIS B 143 -4.78 -12.36 -24.89
C HIS B 143 -5.03 -11.23 -23.90
N ASN B 144 -6.11 -10.48 -24.11
CA ASN B 144 -6.52 -9.48 -23.12
C ASN B 144 -6.92 -10.20 -21.84
N LEU B 145 -6.23 -9.91 -20.74
CA LEU B 145 -6.48 -10.59 -19.48
C LEU B 145 -7.85 -10.29 -18.91
N TRP B 146 -8.52 -9.24 -19.38
CA TRP B 146 -9.87 -8.93 -18.92
C TRP B 146 -10.89 -9.88 -19.53
N ASP B 147 -10.59 -10.39 -20.72
CA ASP B 147 -11.42 -11.32 -21.50
C ASP B 147 -10.54 -11.92 -22.59
N ARG B 148 -10.09 -13.16 -22.38
CA ARG B 148 -9.05 -13.74 -23.24
C ARG B 148 -9.53 -14.00 -24.66
N GLN B 149 -10.81 -13.79 -24.95
CA GLN B 149 -11.29 -13.85 -26.32
C GLN B 149 -11.07 -12.55 -27.08
N ARG B 150 -10.67 -11.50 -26.39
CA ARG B 150 -10.53 -10.18 -26.97
C ARG B 150 -9.07 -9.77 -27.10
N SER B 151 -8.84 -8.87 -27.95
CA SER B 151 -7.46 -8.46 -28.08
C SER B 151 -7.13 -7.36 -27.07
N PRO B 152 -5.87 -7.26 -26.66
CA PRO B 152 -5.42 -6.07 -25.92
C PRO B 152 -5.10 -4.88 -26.82
N GLY B 153 -5.24 -5.01 -28.14
CA GLY B 153 -4.83 -3.93 -29.03
C GLY B 153 -3.41 -4.09 -29.52
N GLY B 154 -2.91 -3.04 -30.16
CA GLY B 154 -1.55 -3.04 -30.65
C GLY B 154 -1.12 -1.65 -31.05
N SER B 155 0.18 -1.50 -31.27
CA SER B 155 1.16 -2.58 -31.29
C SER B 155 1.76 -2.98 -29.93
N SER B 156 1.56 -2.18 -28.88
CA SER B 156 2.08 -2.51 -27.55
C SER B 156 1.17 -3.39 -26.74
N GLY B 157 0.44 -4.32 -27.37
CA GLY B 157 -0.52 -5.11 -26.63
C GLY B 157 0.12 -5.97 -25.55
N GLY B 158 1.28 -6.56 -25.85
CA GLY B 158 1.95 -7.36 -24.85
C GLY B 158 2.40 -6.54 -23.65
N ALA B 159 2.77 -5.29 -23.89
CA ALA B 159 3.18 -4.41 -22.80
C ALA B 159 2.01 -4.09 -21.88
N ALA B 160 0.88 -3.67 -22.46
CA ALA B 160 -0.29 -3.33 -21.67
C ALA B 160 -0.71 -4.51 -20.79
N VAL B 161 -0.77 -5.72 -21.35
CA VAL B 161 -1.23 -6.85 -20.54
C VAL B 161 -0.24 -7.12 -19.41
N ALA B 162 1.06 -6.98 -19.68
CA ALA B 162 2.04 -7.33 -18.65
C ALA B 162 1.97 -6.34 -17.49
N VAL B 163 1.83 -5.05 -17.79
CA VAL B 163 1.56 -4.06 -16.75
C VAL B 163 0.27 -4.41 -16.01
N ALA B 164 -0.78 -4.73 -16.76
CA ALA B 164 -2.08 -4.99 -16.12
C ALA B 164 -2.03 -6.22 -15.21
N ALA B 165 -1.16 -7.18 -15.49
CA ALA B 165 -1.08 -8.38 -14.65
C ALA B 165 -0.01 -8.27 -13.56
N ASP B 166 0.63 -7.12 -13.42
CA ASP B 166 1.77 -6.96 -12.50
C ASP B 166 2.87 -7.96 -12.79
N PHE B 167 3.17 -8.16 -14.08
CA PHE B 167 4.40 -8.83 -14.48
C PHE B 167 5.57 -7.85 -14.47
N THR B 168 5.28 -6.56 -14.54
CA THR B 168 6.22 -5.46 -14.52
C THR B 168 5.50 -4.25 -13.93
N PRO B 169 6.21 -3.32 -13.31
CA PRO B 169 5.54 -2.12 -12.79
C PRO B 169 5.36 -1.06 -13.86
N VAL B 170 6.27 -1.06 -14.85
CA VAL B 170 6.27 -0.07 -15.90
C VAL B 170 6.63 -0.77 -17.21
N GLU B 171 6.51 -0.02 -18.30
CA GLU B 171 6.81 -0.56 -19.61
C GLU B 171 7.23 0.60 -20.51
N PHE B 172 7.85 0.27 -21.64
CA PHE B 172 8.30 1.30 -22.58
C PHE B 172 8.05 0.85 -24.01
N GLY B 173 7.41 1.71 -24.80
CA GLY B 173 7.12 1.34 -26.18
C GLY B 173 7.11 2.54 -27.10
N SER B 174 6.97 2.24 -28.39
CA SER B 174 6.85 3.25 -29.42
C SER B 174 5.38 3.52 -29.71
N ASP B 175 5.10 4.70 -30.26
CA ASP B 175 3.73 5.09 -30.58
C ASP B 175 3.71 5.76 -31.95
N LEU B 176 3.25 5.02 -32.96
CA LEU B 176 3.03 5.56 -34.29
C LEU B 176 1.65 6.17 -34.41
N PHE B 177 0.65 5.34 -34.72
CA PHE B 177 -0.73 5.81 -34.79
C PHE B 177 -1.54 5.16 -33.70
N GLY B 178 -1.21 5.46 -32.44
CA GLY B 178 -1.88 4.89 -31.30
C GLY B 178 -1.22 3.66 -30.74
N LEU B 180 0.91 3.02 -28.64
CA LEU B 180 0.96 2.98 -27.18
C LEU B 180 -0.41 3.23 -26.58
N ARG B 181 -1.18 4.14 -27.18
CA ARG B 181 -2.42 4.60 -26.58
C ARG B 181 -3.51 3.55 -26.66
N ILE B 182 -3.64 2.92 -27.82
CA ILE B 182 -4.77 2.00 -28.03
C ILE B 182 -4.72 0.82 -27.07
N PRO B 183 -3.58 0.13 -26.87
CA PRO B 183 -3.61 -0.99 -25.92
C PRO B 183 -3.81 -0.55 -24.47
N ALA B 184 -3.33 0.63 -24.08
CA ALA B 184 -3.67 1.15 -22.76
C ALA B 184 -5.19 1.20 -22.57
N HIS B 185 -5.89 1.81 -23.54
CA HIS B 185 -7.33 1.95 -23.49
C HIS B 185 -8.03 0.59 -23.40
N TYR B 186 -7.64 -0.36 -24.26
CA TYR B 186 -8.30 -1.66 -24.30
C TYR B 186 -8.03 -2.50 -23.04
N THR B 187 -6.89 -2.28 -22.37
CA THR B 187 -6.40 -3.16 -21.32
C THR B 187 -6.41 -2.52 -19.93
N GLY B 188 -6.70 -1.23 -19.85
CA GLY B 188 -6.90 -0.62 -18.55
C GLY B 188 -5.61 -0.22 -17.86
N VAL B 189 -4.66 0.32 -18.61
CA VAL B 189 -3.43 0.86 -18.03
C VAL B 189 -3.22 2.26 -18.56
N TYR B 190 -2.22 2.95 -18.00
CA TYR B 190 -1.84 4.28 -18.40
C TYR B 190 -0.76 4.18 -19.47
N ALA B 191 -0.71 5.20 -20.32
CA ALA B 191 0.33 5.32 -21.33
C ALA B 191 0.63 6.80 -21.55
N HIS B 192 1.88 7.12 -21.88
CA HIS B 192 2.20 8.47 -22.29
C HIS B 192 3.01 8.47 -23.59
N ARG B 193 2.46 9.12 -24.59
CA ARG B 193 3.09 9.32 -25.87
C ARG B 193 3.73 10.70 -25.84
N CYS B 194 5.06 10.75 -25.94
CA CYS B 194 5.75 12.01 -25.70
C CYS B 194 5.71 12.93 -26.92
N SER B 195 5.93 14.22 -26.66
CA SER B 195 6.14 15.19 -27.72
C SER B 195 7.27 14.76 -28.65
N LEU B 196 7.11 15.03 -29.94
CA LEU B 196 8.13 14.66 -30.92
C LEU B 196 9.42 15.41 -30.62
N GLY B 197 10.53 14.69 -30.55
CA GLY B 197 11.82 15.27 -30.22
C GLY B 197 12.22 15.13 -28.76
N LEU B 198 11.26 14.93 -27.85
CA LEU B 198 11.59 14.82 -26.44
C LEU B 198 12.37 13.55 -26.13
N MET B 199 12.35 12.57 -27.03
CA MET B 199 12.85 11.23 -26.74
C MET B 199 13.32 10.61 -28.04
N SER B 200 14.15 9.58 -27.95
CA SER B 200 14.78 8.98 -29.12
C SER B 200 14.14 7.63 -29.42
N VAL B 201 13.37 7.56 -30.51
CA VAL B 201 12.74 6.31 -30.91
C VAL B 201 13.64 5.52 -31.87
N ARG B 202 14.80 6.05 -32.21
CA ARG B 202 15.82 5.27 -32.89
C ARG B 202 16.09 3.97 -32.12
N GLY B 203 16.35 2.90 -32.85
CA GLY B 203 16.46 1.58 -32.27
C GLY B 203 15.21 0.74 -32.41
N HIS B 204 14.18 1.26 -33.10
CA HIS B 204 12.97 0.54 -33.38
C HIS B 204 13.08 -0.21 -34.70
N VAL B 205 12.50 -1.40 -34.78
CA VAL B 205 12.77 -2.29 -35.90
C VAL B 205 12.26 -1.76 -37.23
N PRO B 206 11.17 -0.97 -37.31
CA PRO B 206 11.04 -0.10 -38.48
C PRO B 206 11.42 1.33 -38.12
N GLY B 207 12.02 2.06 -39.05
CA GLY B 207 12.33 3.46 -38.81
C GLY B 207 13.81 3.76 -38.86
N PRO B 216 13.48 9.35 -37.35
CA PRO B 216 12.43 9.09 -36.36
C PRO B 216 11.02 9.45 -36.87
N ASP B 217 10.93 10.32 -37.88
CA ASP B 217 9.68 10.62 -38.57
C ASP B 217 8.70 11.38 -37.68
N LEU B 218 7.46 10.87 -37.59
CA LEU B 218 6.48 11.38 -36.65
C LEU B 218 6.17 10.41 -35.51
N SER B 219 6.80 9.24 -35.48
CA SER B 219 6.66 8.33 -34.35
C SER B 219 7.41 8.87 -33.13
N THR B 220 6.81 8.69 -31.96
CA THR B 220 7.49 8.96 -30.69
C THR B 220 7.37 7.70 -29.83
N ALA B 221 7.59 7.86 -28.53
CA ALA B 221 7.59 6.73 -27.62
C ALA B 221 7.26 7.23 -26.22
N GLY B 222 7.21 6.31 -25.27
CA GLY B 222 6.92 6.67 -23.91
C GLY B 222 6.52 5.48 -23.06
N PRO B 223 6.21 5.75 -21.79
CA PRO B 223 6.00 4.67 -20.83
C PRO B 223 4.54 4.20 -20.74
N MET B 224 4.41 3.01 -20.19
CA MET B 224 3.15 2.47 -19.70
C MET B 224 3.31 2.27 -18.20
N ALA B 225 2.23 2.44 -17.44
CA ALA B 225 2.31 2.29 -15.99
C ALA B 225 0.89 2.14 -15.43
N ARG B 226 0.78 2.16 -14.10
CA ARG B 226 -0.51 2.07 -13.41
C ARG B 226 -0.82 3.31 -12.58
N SER B 227 -0.06 4.38 -12.76
CA SER B 227 -0.38 5.63 -12.06
C SER B 227 0.25 6.77 -12.85
N ALA B 228 -0.33 7.96 -12.71
CA ALA B 228 0.21 9.13 -13.39
C ALA B 228 1.62 9.47 -12.87
N ALA B 229 1.87 9.25 -11.58
CA ALA B 229 3.17 9.58 -11.00
C ALA B 229 4.26 8.66 -11.52
N ASP B 230 3.91 7.41 -11.84
CA ASP B 230 4.84 6.48 -12.47
C ASP B 230 5.13 6.86 -13.93
N LEU B 231 4.12 7.33 -14.67
CA LEU B 231 4.40 7.97 -15.95
C LEU B 231 5.46 9.06 -15.80
N ARG B 232 5.24 9.99 -14.88
CA ARG B 232 6.14 11.14 -14.70
C ARG B 232 7.54 10.68 -14.32
N LEU B 233 7.63 9.62 -13.52
CA LEU B 233 8.93 9.08 -13.13
C LEU B 233 9.67 8.53 -14.34
N MET B 234 8.98 7.78 -15.20
CA MET B 234 9.62 7.33 -16.44
C MET B 234 10.03 8.51 -17.33
N MET B 235 9.23 9.57 -17.35
CA MET B 235 9.56 10.74 -18.17
C MET B 235 10.82 11.44 -17.66
N ARG B 236 10.99 11.51 -16.32
CA ARG B 236 12.26 11.98 -15.75
C ARG B 236 13.42 11.12 -16.25
N ALA B 237 13.24 9.80 -16.29
CA ALA B 237 14.35 8.93 -16.67
C ALA B 237 14.63 8.98 -18.17
N LEU B 238 13.61 9.19 -18.99
CA LEU B 238 13.72 8.98 -20.43
C LEU B 238 14.01 10.25 -21.23
N SER B 239 13.64 11.43 -20.72
CA SER B 239 13.64 12.64 -21.53
C SER B 239 15.06 13.05 -21.89
N THR B 240 15.36 13.07 -23.19
CA THR B 240 16.56 13.70 -23.74
C THR B 240 16.19 14.33 -25.06
N PHE B 241 16.30 15.65 -25.13
CA PHE B 241 15.75 16.41 -26.25
C PHE B 241 16.72 16.33 -27.43
N TRP B 242 16.32 15.64 -28.50
CA TRP B 242 17.01 15.71 -29.78
C TRP B 242 16.40 16.76 -30.71
N VAL B 243 15.52 17.61 -30.18
CA VAL B 243 14.93 18.72 -30.90
C VAL B 243 14.91 19.92 -29.95
N GLU B 244 15.08 21.11 -30.51
CA GLU B 244 15.12 22.32 -29.69
C GLU B 244 13.76 22.53 -29.03
N PRO B 245 13.70 22.65 -27.71
CA PRO B 245 12.40 22.71 -27.01
C PRO B 245 11.81 24.11 -27.03
N PRO B 246 10.51 24.25 -27.26
CA PRO B 246 9.86 25.55 -27.03
C PRO B 246 9.70 25.87 -25.56
N ARG B 247 9.68 24.86 -24.69
CA ARG B 247 9.67 25.04 -23.23
C ARG B 247 10.24 23.79 -22.59
N ILE B 248 10.53 23.88 -21.30
CA ILE B 248 11.06 22.73 -20.57
C ILE B 248 9.95 22.12 -19.73
N PRO B 249 9.37 20.99 -20.11
CA PRO B 249 8.30 20.41 -19.28
C PRO B 249 8.88 19.97 -17.96
N ASP B 250 8.16 20.29 -16.86
CA ASP B 250 8.60 19.95 -15.51
C ASP B 250 8.11 18.56 -15.12
N PHE B 251 9.03 17.58 -15.09
CA PHE B 251 8.71 16.24 -14.64
C PHE B 251 9.16 15.97 -13.20
N SER B 252 9.55 17.00 -12.45
CA SER B 252 10.15 16.73 -11.14
C SER B 252 9.12 16.21 -10.15
N ARG B 253 7.87 16.67 -10.22
CA ARG B 253 6.84 16.24 -9.28
C ARG B 253 5.47 16.65 -9.80
N TYR B 254 4.44 16.04 -9.22
CA TYR B 254 3.06 16.48 -9.42
C TYR B 254 2.89 17.94 -9.00
N GLN B 255 2.33 18.75 -9.90
CA GLN B 255 1.87 20.10 -9.57
C GLN B 255 0.34 20.04 -9.48
N ALA B 256 -0.17 20.13 -8.25
CA ALA B 256 -1.58 19.89 -7.97
C ALA B 256 -2.49 21.03 -8.43
N LYS B 257 -2.31 21.47 -9.67
CA LYS B 257 -3.22 22.46 -10.23
C LYS B 257 -4.62 21.90 -10.27
N ALA B 258 -5.60 22.75 -9.93
CA ALA B 258 -6.98 22.32 -9.83
C ALA B 258 -7.93 23.00 -10.81
N ASN B 259 -7.56 24.13 -11.41
CA ASN B 259 -8.54 24.93 -12.17
C ASN B 259 -8.23 24.89 -13.67
N TYR B 260 -8.41 23.71 -14.25
CA TYR B 260 -8.11 23.49 -15.66
C TYR B 260 -9.20 24.04 -16.58
N ARG B 261 -8.77 24.45 -17.77
CA ARG B 261 -9.65 24.79 -18.89
C ARG B 261 -9.56 23.63 -19.87
N VAL B 262 -10.66 22.92 -20.09
CA VAL B 262 -10.65 21.65 -20.80
C VAL B 262 -11.51 21.74 -22.06
N CYS B 263 -10.93 21.34 -23.19
CA CYS B 263 -11.66 21.06 -24.44
C CYS B 263 -11.97 19.58 -24.60
N THR B 264 -13.18 19.28 -25.11
CA THR B 264 -13.56 17.90 -25.45
C THR B 264 -13.82 17.77 -26.95
N TRP B 265 -13.43 16.62 -27.52
CA TRP B 265 -13.73 16.28 -28.92
C TRP B 265 -14.04 14.78 -28.97
N PHE B 266 -15.30 14.46 -28.73
CA PHE B 266 -15.74 13.09 -28.48
C PHE B 266 -16.44 12.46 -29.69
N SER B 267 -16.65 13.21 -30.75
CA SER B 267 -17.19 12.61 -31.97
C SER B 267 -17.03 13.62 -33.09
N ALA B 268 -17.07 13.11 -34.31
CA ALA B 268 -16.97 13.89 -35.53
C ALA B 268 -17.97 13.31 -36.53
N PRO B 269 -18.48 14.12 -37.45
CA PRO B 269 -19.32 13.56 -38.51
C PRO B 269 -18.57 12.47 -39.23
N HIS B 270 -19.25 11.35 -39.48
CA HIS B 270 -18.71 10.12 -40.07
C HIS B 270 -17.84 9.35 -39.09
N HIS B 271 -17.71 9.82 -37.84
CA HIS B 271 -16.86 9.15 -36.87
C HIS B 271 -17.53 9.21 -35.50
N GLU B 272 -18.63 8.47 -35.37
CA GLU B 272 -19.29 8.32 -34.09
C GLU B 272 -18.61 7.25 -33.26
N ILE B 273 -18.83 7.32 -31.95
CA ILE B 273 -18.29 6.34 -31.02
C ILE B 273 -19.44 5.55 -30.42
N ASP B 274 -19.10 4.37 -29.88
CA ASP B 274 -20.12 3.54 -29.28
C ASP B 274 -20.78 4.23 -28.09
N GLN B 275 -22.08 3.97 -27.93
CA GLN B 275 -22.87 4.58 -26.88
C GLN B 275 -22.27 4.34 -25.50
N GLN B 276 -21.69 3.16 -25.29
CA GLN B 276 -21.13 2.88 -23.97
C GLN B 276 -19.96 3.81 -23.65
N ILE B 277 -19.12 4.09 -24.63
CA ILE B 277 -18.02 5.03 -24.41
C ILE B 277 -18.55 6.44 -24.20
N ALA B 278 -19.52 6.84 -25.03
CA ALA B 278 -20.09 8.18 -24.89
C ALA B 278 -20.70 8.38 -23.51
N GLN B 279 -21.37 7.35 -23.00
CA GLN B 279 -22.00 7.47 -21.68
C GLN B 279 -20.96 7.49 -20.57
N ARG B 280 -19.87 6.73 -20.72
CA ARG B 280 -18.85 6.74 -19.67
C ARG B 280 -18.01 8.01 -19.74
N PHE B 281 -17.84 8.55 -20.95
CA PHE B 281 -17.20 9.86 -21.09
C PHE B 281 -18.05 10.96 -20.47
N GLN B 282 -19.36 10.93 -20.71
CA GLN B 282 -20.22 11.97 -20.14
C GLN B 282 -20.21 11.93 -18.61
N SER B 283 -20.30 10.73 -18.04
CA SER B 283 -20.26 10.58 -16.58
C SER B 283 -18.96 11.17 -16.02
N PHE B 284 -17.87 10.98 -16.74
CA PHE B 284 -16.58 11.50 -16.30
C PHE B 284 -16.57 13.03 -16.37
N ILE B 285 -17.05 13.59 -17.49
CA ILE B 285 -17.11 15.04 -17.67
C ILE B 285 -18.01 15.67 -16.61
N ASP B 286 -19.12 15.03 -16.30
CA ASP B 286 -20.02 15.55 -15.27
C ASP B 286 -19.29 15.73 -13.95
N LYS B 287 -18.55 14.71 -13.52
CA LYS B 287 -17.75 14.85 -12.30
C LYS B 287 -16.67 15.93 -12.46
N LEU B 288 -16.05 15.99 -13.64
CA LEU B 288 -15.05 17.01 -13.91
C LEU B 288 -15.63 18.42 -13.81
N ARG B 289 -16.77 18.67 -14.45
CA ARG B 289 -17.38 19.99 -14.40
C ARG B 289 -17.75 20.41 -12.99
N ALA B 290 -18.09 19.45 -12.12
CA ALA B 290 -18.45 19.74 -10.74
C ALA B 290 -17.27 20.19 -9.89
N GLN B 291 -16.04 20.19 -10.43
CA GLN B 291 -14.85 20.58 -9.67
C GLN B 291 -14.68 22.10 -9.71
N PRO B 292 -14.50 22.76 -8.57
CA PRO B 292 -14.45 24.24 -8.59
C PRO B 292 -13.26 24.72 -9.41
N GLY B 293 -13.54 25.64 -10.33
CA GLY B 293 -12.51 26.21 -11.19
C GLY B 293 -12.28 25.47 -12.50
N VAL B 294 -12.89 24.32 -12.71
CA VAL B 294 -12.69 23.56 -13.92
C VAL B 294 -13.71 24.06 -14.94
N GLU B 295 -13.27 24.28 -16.16
CA GLU B 295 -14.14 24.62 -17.27
C GLU B 295 -14.01 23.55 -18.34
N VAL B 296 -15.14 23.08 -18.85
CA VAL B 296 -15.16 22.04 -19.88
C VAL B 296 -15.98 22.54 -21.05
N ASP B 297 -15.33 22.69 -22.21
CA ASP B 297 -15.99 23.19 -23.41
C ASP B 297 -15.87 22.19 -24.55
N ASP B 298 -16.97 21.99 -25.26
CA ASP B 298 -16.96 21.19 -26.50
C ASP B 298 -16.61 22.13 -27.64
N ALA B 299 -15.31 22.41 -27.79
CA ALA B 299 -14.89 23.54 -28.62
C ALA B 299 -13.73 23.19 -29.53
N MET B 300 -13.69 21.96 -30.05
CA MET B 300 -12.78 21.61 -31.14
C MET B 300 -12.91 22.67 -32.23
N PRO B 301 -11.82 23.32 -32.64
CA PRO B 301 -11.94 24.39 -33.64
C PRO B 301 -12.28 23.82 -35.02
N ALA B 302 -13.37 24.31 -35.60
CA ALA B 302 -13.80 23.81 -36.90
C ALA B 302 -12.77 24.08 -38.00
N ASP B 303 -11.83 24.99 -37.77
CA ASP B 303 -10.82 25.26 -38.79
C ASP B 303 -9.96 24.04 -39.08
N ILE B 304 -9.98 23.03 -38.22
CA ILE B 304 -9.29 21.77 -38.47
C ILE B 304 -10.34 20.81 -38.97
N ASP B 305 -10.48 20.70 -40.29
CA ASP B 305 -11.37 19.70 -40.83
C ASP B 305 -10.84 18.31 -40.51
N PRO B 306 -11.60 17.48 -39.80
CA PRO B 306 -11.10 16.13 -39.47
C PRO B 306 -10.90 15.23 -40.68
N ASP B 307 -11.75 15.33 -41.72
CA ASP B 307 -11.58 14.46 -42.88
C ASP B 307 -10.33 14.83 -43.67
N ALA B 308 -10.05 16.13 -43.82
CA ALA B 308 -8.78 16.54 -44.42
C ALA B 308 -7.60 16.09 -43.59
N LEU B 309 -7.69 16.23 -42.27
CA LEU B 309 -6.62 15.73 -41.40
C LEU B 309 -6.46 14.23 -41.55
N PHE B 310 -7.58 13.50 -41.62
CA PHE B 310 -7.53 12.06 -41.88
C PHE B 310 -6.68 11.76 -43.10
N ASP B 311 -7.01 12.39 -44.24
CA ASP B 311 -6.34 12.07 -45.49
C ASP B 311 -4.84 12.35 -45.40
N ILE B 312 -4.48 13.52 -44.84
CA ILE B 312 -3.08 13.85 -44.57
C ILE B 312 -2.39 12.72 -43.81
N ALA B 313 -3.05 12.16 -42.79
CA ALA B 313 -2.42 11.12 -41.99
C ALA B 313 -2.21 9.85 -42.79
N VAL B 314 -3.21 9.41 -43.55
CA VAL B 314 -3.07 8.19 -44.34
C VAL B 314 -2.00 8.34 -45.42
N LYS B 315 -1.83 9.55 -45.95
CA LYS B 315 -0.72 9.81 -46.87
C LYS B 315 0.61 9.60 -46.17
N LEU B 316 0.81 10.26 -45.03
CA LEU B 316 2.08 10.20 -44.31
C LEU B 316 2.45 8.78 -43.89
N SER B 317 1.50 7.85 -43.88
CA SER B 317 1.82 6.44 -43.66
C SER B 317 2.83 5.95 -44.71
N ARG B 368 5.48 17.27 -51.25
CA ARG B 368 4.14 17.30 -50.66
C ARG B 368 3.35 18.59 -50.92
N ASN B 369 2.20 18.45 -51.57
CA ASN B 369 1.24 19.53 -51.73
C ASN B 369 0.48 19.80 -50.43
N THR B 370 0.72 18.99 -49.40
CA THR B 370 -0.06 18.92 -48.17
C THR B 370 0.53 19.73 -47.02
N ASP B 371 1.80 20.13 -47.10
CA ASP B 371 2.40 20.86 -45.99
C ASP B 371 1.74 22.21 -45.75
N LYS B 372 1.01 22.75 -46.74
CA LYS B 372 0.30 24.01 -46.50
C LYS B 372 -0.77 23.84 -45.42
N LEU B 373 -1.52 22.74 -45.47
CA LEU B 373 -2.58 22.51 -44.49
C LEU B 373 -1.98 22.11 -43.15
N ARG B 374 -1.04 21.16 -43.20
CA ARG B 374 -0.30 20.75 -42.01
C ARG B 374 0.22 21.95 -41.23
N HIS B 375 0.79 22.95 -41.93
CA HIS B 375 1.27 24.14 -41.26
C HIS B 375 0.11 24.99 -40.74
N GLU B 376 -0.93 25.20 -41.55
CA GLU B 376 -2.03 26.04 -41.09
C GLU B 376 -2.79 25.38 -39.94
N TYR B 377 -2.92 24.05 -39.98
CA TYR B 377 -3.52 23.34 -38.86
C TYR B 377 -2.66 23.45 -37.59
N SER B 378 -1.34 23.63 -37.76
CA SER B 378 -0.48 23.80 -36.60
C SER B 378 -0.82 25.06 -35.84
N ARG B 379 -0.91 26.21 -36.54
CA ARG B 379 -1.30 27.47 -35.90
C ARG B 379 -2.58 27.30 -35.08
N VAL B 380 -3.61 26.66 -35.65
CA VAL B 380 -4.88 26.59 -34.93
C VAL B 380 -4.75 25.68 -33.72
N ILE B 381 -3.84 24.69 -33.78
CA ILE B 381 -3.56 23.87 -32.60
C ILE B 381 -2.90 24.73 -31.51
N GLU B 382 -1.89 25.53 -31.88
CA GLU B 382 -1.32 26.48 -30.93
C GLU B 382 -2.38 27.39 -30.35
N THR B 383 -3.30 27.86 -31.19
CA THR B 383 -4.34 28.74 -30.67
C THR B 383 -5.20 28.01 -29.65
N LEU B 384 -5.55 26.75 -29.96
CA LEU B 384 -6.35 25.95 -29.05
C LEU B 384 -5.67 25.78 -27.70
N PHE B 385 -4.40 25.37 -27.70
CA PHE B 385 -3.70 25.09 -26.44
C PHE B 385 -3.10 26.32 -25.79
N ALA B 386 -3.28 27.51 -26.37
CA ALA B 386 -3.15 28.73 -25.61
C ALA B 386 -4.45 29.09 -24.89
N ARG B 387 -5.57 28.54 -25.36
CA ARG B 387 -6.86 28.81 -24.76
C ARG B 387 -7.34 27.66 -23.85
N TYR B 388 -6.85 26.45 -24.09
CA TYR B 388 -7.21 25.28 -23.29
C TYR B 388 -5.95 24.60 -22.77
N ASP B 389 -6.01 24.17 -21.51
CA ASP B 389 -4.90 23.42 -20.94
C ASP B 389 -4.73 22.05 -21.60
N VAL B 390 -5.85 21.32 -21.79
CA VAL B 390 -5.78 19.98 -22.38
C VAL B 390 -6.99 19.76 -23.27
N LEU B 391 -6.84 18.81 -24.20
CA LEU B 391 -7.93 18.36 -25.07
C LEU B 391 -8.23 16.89 -24.78
N LEU B 392 -9.49 16.56 -24.52
CA LEU B 392 -9.86 15.17 -24.23
C LEU B 392 -10.54 14.54 -25.45
N THR B 393 -10.06 13.34 -25.87
CA THR B 393 -10.69 12.66 -27.02
C THR B 393 -10.81 11.16 -26.75
N PRO B 394 -11.54 10.42 -27.59
CA PRO B 394 -11.48 8.96 -27.54
C PRO B 394 -10.10 8.48 -27.96
N VAL B 395 -9.82 7.23 -27.61
CA VAL B 395 -8.71 6.46 -28.18
C VAL B 395 -9.20 5.51 -29.27
N SER B 396 -10.45 5.11 -29.23
CA SER B 396 -11.04 4.17 -30.18
C SER B 396 -12.55 4.35 -30.08
N PRO B 397 -13.31 4.02 -31.12
CA PRO B 397 -14.78 4.12 -31.03
C PRO B 397 -15.42 2.96 -30.29
N VAL B 398 -14.67 1.89 -29.99
CA VAL B 398 -15.20 0.71 -29.33
C VAL B 398 -14.30 0.31 -28.16
N LEU B 399 -14.84 -0.54 -27.31
CA LEU B 399 -14.02 -1.23 -26.31
C LEU B 399 -13.43 -2.49 -26.94
N ALA B 400 -12.72 -3.28 -26.13
CA ALA B 400 -11.92 -4.40 -26.65
C ALA B 400 -12.81 -5.37 -27.43
N PHE B 401 -12.31 -5.78 -28.60
CA PHE B 401 -13.04 -6.63 -29.53
C PHE B 401 -12.37 -7.99 -29.66
N ALA B 402 -13.18 -9.01 -29.96
CA ALA B 402 -12.63 -10.34 -30.22
C ALA B 402 -11.60 -10.27 -31.33
N HIS B 403 -10.65 -11.21 -31.28
CA HIS B 403 -9.54 -11.25 -32.24
C HIS B 403 -10.05 -11.20 -33.67
N MET B 404 -9.36 -10.44 -34.51
CA MET B 404 -9.74 -10.26 -35.90
C MET B 404 -8.51 -10.52 -36.78
N GLN B 405 -8.15 -11.81 -36.88
CA GLN B 405 -6.97 -12.20 -37.64
C GLN B 405 -7.14 -12.03 -39.16
N GLN B 406 -8.38 -11.94 -39.66
CA GLN B 406 -8.75 -11.97 -41.08
C GLN B 406 -8.13 -10.83 -41.88
N PRO B 407 -8.31 -10.77 -43.20
CA PRO B 407 -7.71 -9.67 -43.98
C PRO B 407 -8.09 -8.29 -43.48
N VAL B 408 -7.20 -7.32 -43.75
CA VAL B 408 -7.30 -6.00 -43.18
C VAL B 408 -8.56 -5.26 -43.59
N ARG B 409 -9.29 -5.74 -44.59
CA ARG B 409 -10.57 -5.13 -44.91
C ARG B 409 -11.74 -6.10 -44.84
N LYS B 410 -11.57 -7.23 -44.16
CA LYS B 410 -12.70 -7.92 -43.54
C LYS B 410 -12.74 -7.67 -42.04
N ARG B 411 -12.01 -6.66 -41.57
CA ARG B 411 -11.98 -6.25 -40.18
C ARG B 411 -12.84 -5.01 -40.03
N LYS B 412 -13.88 -5.08 -39.20
CA LYS B 412 -14.74 -3.95 -38.92
C LYS B 412 -14.84 -3.75 -37.40
N LEU B 413 -15.06 -2.51 -36.99
CA LEU B 413 -15.36 -2.20 -35.59
C LEU B 413 -16.85 -1.88 -35.49
N ILE B 414 -17.51 -2.46 -34.49
CA ILE B 414 -18.96 -2.43 -34.38
C ILE B 414 -19.34 -1.26 -33.46
N VAL B 415 -19.85 -0.20 -34.06
CA VAL B 415 -20.24 1.02 -33.35
C VAL B 415 -21.76 1.10 -33.36
N ASN B 416 -22.36 0.89 -32.18
CA ASN B 416 -23.81 0.90 -32.04
C ASN B 416 -24.48 -0.04 -33.04
N GLY B 417 -23.93 -1.25 -33.15
CA GLY B 417 -24.49 -2.28 -34.00
C GLY B 417 -24.04 -2.26 -35.44
N GLU B 418 -23.48 -1.14 -35.91
CA GLU B 418 -23.20 -1.07 -37.32
C GLU B 418 -21.70 -1.02 -37.60
N PRO B 419 -21.25 -1.72 -38.63
CA PRO B 419 -19.81 -1.90 -38.83
C PRO B 419 -19.15 -0.60 -39.25
N GLN B 420 -17.93 -0.39 -38.76
CA GLN B 420 -17.14 0.77 -39.11
C GLN B 420 -15.75 0.32 -39.48
N ASP B 421 -15.03 1.19 -40.17
CA ASP B 421 -13.75 0.83 -40.75
C ASP B 421 -12.70 0.66 -39.65
N TYR B 422 -11.78 -0.28 -39.89
CA TYR B 422 -10.67 -0.55 -38.97
C TYR B 422 -9.84 0.69 -38.70
N ASN B 423 -9.69 1.55 -39.72
CA ASN B 423 -8.90 2.77 -39.58
C ASN B 423 -9.54 3.80 -38.67
N GLU B 424 -10.68 3.51 -38.02
CA GLU B 424 -11.15 4.41 -36.98
C GLU B 424 -10.13 4.49 -35.85
N HIS B 425 -9.37 3.41 -35.64
CA HIS B 425 -8.21 3.46 -34.77
C HIS B 425 -7.30 4.63 -35.14
N LEU B 426 -7.11 4.87 -36.43
CA LEU B 426 -6.14 5.90 -36.80
C LEU B 426 -6.77 7.28 -36.71
N PHE B 427 -8.06 7.40 -37.02
CA PHE B 427 -8.71 8.70 -36.94
C PHE B 427 -8.58 9.31 -35.55
N TRP B 428 -8.78 8.52 -34.50
CA TRP B 428 -8.82 9.05 -33.13
C TRP B 428 -7.45 9.18 -32.51
N ASN B 429 -6.39 8.81 -33.22
CA ASN B 429 -5.02 8.92 -32.75
C ASN B 429 -4.15 9.77 -33.65
N MET B 430 -4.72 10.33 -34.72
CA MET B 430 -3.93 11.01 -35.75
C MET B 430 -3.53 12.42 -35.31
N LEU B 431 -4.32 13.05 -34.45
CA LEU B 431 -4.10 14.44 -34.10
C LEU B 431 -2.77 14.63 -33.37
N ALA B 432 -2.51 13.83 -32.33
CA ALA B 432 -1.25 13.95 -31.63
C ALA B 432 -0.09 13.48 -32.50
N THR B 433 -0.34 12.45 -33.33
CA THR B 433 0.72 11.92 -34.18
C THR B 433 1.18 12.94 -35.21
N VAL B 434 0.24 13.48 -35.99
CA VAL B 434 0.58 14.35 -37.12
C VAL B 434 1.20 15.66 -36.64
N PHE B 435 0.81 16.12 -35.45
CA PHE B 435 1.32 17.38 -34.95
C PHE B 435 2.35 17.19 -33.83
N GLY B 436 2.78 15.96 -33.59
CA GLY B 436 3.85 15.70 -32.64
C GLY B 436 3.49 16.04 -31.20
N LEU B 437 2.25 15.82 -30.82
CA LEU B 437 1.79 16.32 -29.54
C LEU B 437 1.98 15.28 -28.43
N PRO B 438 2.03 15.72 -27.17
CA PRO B 438 1.94 14.75 -26.07
C PRO B 438 0.52 14.25 -25.92
N ALA B 439 0.39 12.98 -25.59
CA ALA B 439 -0.94 12.42 -25.30
C ALA B 439 -0.79 11.42 -24.16
N THR B 440 -1.54 11.64 -23.08
CA THR B 440 -1.61 10.68 -21.98
C THR B 440 -2.94 9.92 -22.11
N VAL B 441 -2.89 8.60 -21.99
CA VAL B 441 -4.11 7.80 -21.94
C VAL B 441 -4.36 7.37 -20.50
N TYR B 442 -5.55 7.67 -20.00
CA TYR B 442 -5.95 7.50 -18.62
C TYR B 442 -7.11 6.53 -18.53
N PRO B 443 -7.03 5.48 -17.70
CA PRO B 443 -8.14 4.51 -17.62
C PRO B 443 -9.30 5.06 -16.79
N LEU B 444 -10.50 5.01 -17.37
CA LEU B 444 -11.69 5.45 -16.64
C LEU B 444 -12.14 4.34 -15.69
N ALA B 445 -13.04 4.68 -14.78
CA ALA B 445 -13.61 3.69 -13.87
C ALA B 445 -14.33 2.60 -14.67
N LYS B 446 -14.44 1.41 -14.08
CA LYS B 446 -15.17 0.31 -14.70
C LYS B 446 -15.93 -0.44 -13.62
N THR B 447 -17.13 -0.89 -13.96
CA THR B 447 -17.77 -1.86 -13.09
C THR B 447 -17.25 -3.25 -13.43
N MET B 448 -17.65 -4.21 -12.61
CA MET B 448 -17.23 -5.60 -12.85
C MET B 448 -17.69 -6.10 -14.21
N ASP B 449 -18.79 -5.58 -14.72
CA ASP B 449 -19.43 -6.13 -15.90
C ASP B 449 -19.10 -5.39 -17.19
N GLU B 450 -18.25 -4.36 -17.16
CA GLU B 450 -17.80 -3.73 -18.38
C GLU B 450 -16.30 -3.85 -18.56
N LEU B 451 -15.89 -3.64 -19.79
CA LEU B 451 -14.49 -3.70 -20.17
C LEU B 451 -13.82 -2.37 -19.82
N PRO B 452 -12.49 -2.33 -19.87
CA PRO B 452 -11.79 -1.06 -19.62
C PRO B 452 -12.11 -0.04 -20.70
N CYS B 453 -11.89 1.23 -20.35
CA CYS B 453 -12.12 2.32 -21.30
C CYS B 453 -11.21 3.47 -20.89
N GLY B 454 -10.38 3.91 -21.82
CA GLY B 454 -9.46 5.01 -21.54
C GLY B 454 -9.92 6.29 -22.22
N ILE B 455 -9.41 7.41 -21.73
CA ILE B 455 -9.64 8.71 -22.34
C ILE B 455 -8.29 9.30 -22.74
N GLN B 456 -8.24 10.03 -23.86
CA GLN B 456 -6.98 10.58 -24.39
C GLN B 456 -6.85 12.04 -24.00
N ILE B 457 -5.76 12.37 -23.31
CA ILE B 457 -5.48 13.74 -22.81
C ILE B 457 -4.36 14.33 -23.69
N ILE B 458 -4.69 15.33 -24.50
CA ILE B 458 -3.71 15.93 -25.42
C ILE B 458 -3.43 17.38 -25.01
N SER B 459 -2.20 17.82 -25.25
CA SER B 459 -1.90 19.23 -25.01
C SER B 459 -0.90 19.71 -26.07
N GLY B 460 -0.41 20.94 -25.91
CA GLY B 460 0.50 21.50 -26.88
C GLY B 460 1.85 20.81 -26.91
N HIS B 461 2.62 21.09 -27.96
CA HIS B 461 3.94 20.48 -28.11
C HIS B 461 4.82 20.82 -26.91
N PHE B 462 5.49 19.80 -26.37
CA PHE B 462 6.31 19.92 -25.15
C PHE B 462 5.48 20.38 -23.95
N HIS B 463 4.17 20.06 -23.93
CA HIS B 463 3.34 20.15 -22.73
C HIS B 463 3.12 18.79 -22.10
N ASP B 464 4.09 17.87 -22.21
CA ASP B 464 3.92 16.53 -21.63
C ASP B 464 3.64 16.58 -20.13
N ASP B 465 4.19 17.59 -19.42
CA ASP B 465 3.93 17.70 -18.00
C ASP B 465 2.47 18.04 -17.72
N VAL B 466 1.84 18.80 -18.60
CA VAL B 466 0.44 19.19 -18.41
C VAL B 466 -0.49 18.00 -18.59
N THR B 467 -0.24 17.12 -19.58
CA THR B 467 -1.17 15.98 -19.74
C THR B 467 -1.02 14.98 -18.60
N ILE B 468 0.22 14.74 -18.14
CA ILE B 468 0.43 13.84 -17.02
C ILE B 468 -0.13 14.42 -15.73
N ASN B 469 0.11 15.72 -15.48
CA ASN B 469 -0.45 16.39 -14.31
C ASN B 469 -1.98 16.36 -14.34
N PHE B 470 -2.58 16.55 -15.52
CA PHE B 470 -4.03 16.43 -15.61
C PHE B 470 -4.49 15.00 -15.29
N ALA B 471 -3.80 13.98 -15.80
CA ALA B 471 -4.15 12.60 -15.42
C ALA B 471 -4.08 12.42 -13.91
N GLU B 472 -3.05 12.99 -13.27
CA GLU B 472 -2.95 12.84 -11.82
C GLU B 472 -4.08 13.57 -11.10
N PHE B 473 -4.51 14.71 -11.64
CA PHE B 473 -5.65 15.41 -11.08
C PHE B 473 -6.92 14.59 -11.20
N CYS B 474 -7.13 13.96 -12.36
CA CYS B 474 -8.27 13.08 -12.56
C CYS B 474 -8.31 11.93 -11.56
N GLU B 475 -7.14 11.46 -11.13
CA GLU B 475 -7.08 10.40 -10.12
C GLU B 475 -7.83 10.78 -8.84
N SER B 476 -8.01 12.06 -8.58
CA SER B 476 -8.72 12.49 -7.37
C SER B 476 -10.20 12.67 -7.64
N ILE B 477 -10.64 12.44 -8.87
CA ILE B 477 -12.02 12.65 -9.28
C ILE B 477 -12.71 11.33 -9.61
N SER B 478 -12.13 10.56 -10.54
CA SER B 478 -12.76 9.35 -11.03
C SER B 478 -11.73 8.59 -11.86
N GLY B 479 -11.81 7.26 -11.80
CA GLY B 479 -10.95 6.42 -12.62
C GLY B 479 -9.64 6.03 -11.94
N GLY B 480 -8.70 5.58 -12.75
CA GLY B 480 -7.45 5.03 -12.24
C GLY B 480 -7.38 3.53 -12.51
N PHE B 481 -6.32 2.90 -12.01
CA PHE B 481 -6.09 1.50 -12.29
C PHE B 481 -7.01 0.61 -11.45
N THR B 482 -7.62 -0.38 -12.11
CA THR B 482 -8.43 -1.41 -11.46
C THR B 482 -7.77 -2.78 -11.68
N VAL B 483 -7.59 -3.53 -10.60
CA VAL B 483 -6.97 -4.86 -10.70
C VAL B 483 -7.97 -5.83 -11.31
N PRO B 484 -7.61 -6.59 -12.34
CA PRO B 484 -8.56 -7.53 -12.93
C PRO B 484 -8.86 -8.68 -11.98
N GLU B 485 -10.02 -9.30 -12.20
CA GLU B 485 -10.47 -10.37 -11.31
C GLU B 485 -9.58 -11.59 -11.48
N GLY B 486 -9.17 -12.17 -10.35
CA GLY B 486 -8.31 -13.33 -10.38
C GLY B 486 -6.83 -13.04 -10.40
N TYR B 487 -6.43 -11.77 -10.37
CA TYR B 487 -5.03 -11.39 -10.37
C TYR B 487 -4.70 -10.69 -9.06
N GLY B 488 -3.42 -10.54 -8.79
CA GLY B 488 -2.98 -9.92 -7.53
C GLY B 488 -2.25 -10.82 -6.56
#